data_7UU3
#
_entry.id   7UU3
#
_cell.length_a   60.709
_cell.length_b   67.192
_cell.length_c   79.624
_cell.angle_alpha   98.290
_cell.angle_beta   108.720
_cell.angle_gamma   112.660
#
_symmetry.space_group_name_H-M   'P 1'
#
loop_
_entity.id
_entity.type
_entity.pdbx_description
1 polymer 'DNA dC->dU-editing enzyme APOBEC-3G'
2 polymer "RNA (5'-R(*CP*CP*CP*AP*CP*GP*GP*GP*AP*AP*U)-3')"
3 polymer "RNA (5'-R(*CP*CP*CP*GP*UP*GP*GP*GP*AP*AP*U)-3')"
4 non-polymer 'ZINC ION'
#
loop_
_entity_poly.entity_id
_entity_poly.type
_entity_poly.pdbx_seq_one_letter_code
_entity_poly.pdbx_strand_id
1 'polypeptide(L)'
;GPGGSGGMKPQIRNMVEPMDPRTFVSNFNNRPILSGLDTVWLCCEVKTKDPSGPPLDAKIFQGKVYPKAKYHPEMRFLRW
FHKWRQLHHDQEYKVTWYVSWSPCTRCANSVATFLAKDPKVTLTIFVARLYYFWKPDYQQALRILAEAGATMKIMNYNEF
QDCWNKFVDGRGKPFKPWNNLPKHYTLLQATLGELLRHLMDPGTFTSNFNNKPWVSGQHETYLCYKVERLHNDTWVPLNQ
HRGFLRNQAPNIHGFPKGRHAALCFLDLIPFWKLDGQQYRVTCFTSWSPCFSCAQEMAKFISNNEHVSLCIFAARIYDDQ
GRYQEGLRTLHRDGAKIAMMNYSEFEYCWDTFVDRQGRPFQPWDGLDEHSQALSGRLRAILQNQGN
;
A,B
2 'polyribonucleotide' CCCACGGGAAUUUU C
3 'polyribonucleotide' CCCGUGGGAAUUUU D
#
# COMPACT_ATOMS: atom_id res chain seq x y z
N MET A 15 -4.85 4.59 40.82
CA MET A 15 -5.73 3.58 41.41
C MET A 15 -6.38 2.74 40.31
N VAL A 16 -5.73 2.70 39.15
CA VAL A 16 -6.13 1.87 38.03
C VAL A 16 -5.02 0.85 37.76
N GLU A 17 -5.40 -0.40 37.56
CA GLU A 17 -4.48 -1.37 36.99
C GLU A 17 -4.44 -1.13 35.49
N PRO A 18 -3.45 -0.39 35.00
CA PRO A 18 -3.54 0.16 33.63
C PRO A 18 -3.51 -0.91 32.57
N MET A 19 -3.99 -0.52 31.38
CA MET A 19 -4.03 -1.45 30.26
C MET A 19 -2.74 -1.34 29.46
N ASP A 20 -2.40 -2.44 28.78
CA ASP A 20 -1.19 -2.48 27.98
C ASP A 20 -1.28 -1.46 26.84
N PRO A 21 -0.22 -0.71 26.57
CA PRO A 21 -0.27 0.24 25.43
C PRO A 21 -0.55 -0.42 24.10
N ARG A 22 -0.07 -1.65 23.89
CA ARG A 22 -0.42 -2.38 22.68
C ARG A 22 -1.91 -2.66 22.62
N THR A 23 -2.52 -2.92 23.78
CA THR A 23 -3.97 -3.13 23.83
C THR A 23 -4.72 -1.87 23.39
N PHE A 24 -4.32 -0.72 23.93
CA PHE A 24 -5.01 0.54 23.64
C PHE A 24 -4.94 0.89 22.17
N VAL A 25 -3.76 0.75 21.55
CA VAL A 25 -3.59 1.21 20.18
C VAL A 25 -4.49 0.44 19.23
N SER A 26 -4.63 -0.88 19.44
CA SER A 26 -5.44 -1.69 18.54
C SER A 26 -6.93 -1.55 18.82
N ASN A 27 -7.31 -1.36 20.09
CA ASN A 27 -8.72 -1.36 20.46
C ASN A 27 -9.37 0.01 20.33
N PHE A 28 -8.63 1.08 20.55
CA PHE A 28 -9.19 2.43 20.42
C PHE A 28 -8.89 3.04 19.07
N ASN A 29 -8.47 2.23 18.10
CA ASN A 29 -8.37 2.69 16.72
C ASN A 29 -9.76 3.04 16.23
N ASN A 30 -9.93 4.28 15.76
CA ASN A 30 -11.24 4.81 15.46
C ASN A 30 -11.62 4.70 13.99
N ARG A 31 -11.06 3.74 13.28
CA ARG A 31 -11.56 3.45 11.94
C ARG A 31 -13.00 3.00 12.06
N PRO A 32 -13.95 3.66 11.39
CA PRO A 32 -15.37 3.32 11.61
C PRO A 32 -15.72 1.88 11.28
N ILE A 33 -15.13 1.29 10.24
CA ILE A 33 -15.34 -0.12 9.89
C ILE A 33 -14.05 -0.86 10.23
N LEU A 34 -14.11 -1.73 11.22
CA LEU A 34 -12.90 -2.34 11.78
C LEU A 34 -13.24 -3.69 12.38
N SER A 35 -12.82 -4.75 11.71
CA SER A 35 -13.04 -6.12 12.18
C SER A 35 -11.89 -6.57 13.08
N GLY A 36 -12.11 -7.71 13.74
CA GLY A 36 -11.08 -8.32 14.56
C GLY A 36 -11.05 -7.89 16.02
N LEU A 37 -11.93 -6.99 16.44
CA LEU A 37 -11.97 -6.49 17.81
C LEU A 37 -13.17 -7.08 18.53
N ASP A 38 -12.97 -8.22 19.19
CA ASP A 38 -14.06 -8.93 19.85
C ASP A 38 -14.30 -8.46 21.28
N THR A 39 -13.58 -7.44 21.74
CA THR A 39 -13.66 -6.98 23.12
C THR A 39 -14.10 -5.53 23.17
N VAL A 40 -14.89 -5.20 24.18
CA VAL A 40 -15.29 -3.83 24.46
C VAL A 40 -14.48 -3.35 25.66
N TRP A 41 -13.71 -2.28 25.49
CA TRP A 41 -12.94 -1.67 26.56
C TRP A 41 -13.64 -0.41 27.06
N LEU A 42 -13.84 -0.33 28.37
CA LEU A 42 -14.54 0.79 28.99
C LEU A 42 -13.66 1.33 30.11
N CYS A 43 -13.10 2.52 29.89
CA CYS A 43 -12.40 3.27 30.92
C CYS A 43 -13.35 4.32 31.49
N CYS A 44 -13.40 4.44 32.80
CA CYS A 44 -14.35 5.37 33.42
C CYS A 44 -13.70 6.16 34.55
N GLU A 45 -14.18 7.39 34.73
CA GLU A 45 -13.84 8.25 35.86
C GLU A 45 -15.10 8.63 36.63
N VAL A 46 -14.93 8.88 37.93
CA VAL A 46 -15.98 9.48 38.76
C VAL A 46 -15.46 10.80 39.32
N LYS A 47 -16.26 11.85 39.19
CA LYS A 47 -15.93 13.17 39.73
C LYS A 47 -17.13 13.76 40.44
N THR A 48 -16.92 14.90 41.09
CA THR A 48 -17.95 15.62 41.83
C THR A 48 -18.61 16.65 40.91
N LYS A 49 -19.47 17.51 41.50
CA LYS A 49 -20.01 18.62 40.73
C LYS A 49 -18.90 19.46 40.14
N ASP A 50 -17.78 19.58 40.86
CA ASP A 50 -16.69 20.43 40.43
C ASP A 50 -15.78 19.65 39.47
N PRO A 51 -15.66 20.08 38.22
CA PRO A 51 -14.72 19.38 37.32
C PRO A 51 -13.27 19.58 37.71
N SER A 52 -12.91 20.76 38.23
CA SER A 52 -11.53 21.06 38.57
C SER A 52 -10.97 20.08 39.60
N GLY A 53 -11.82 19.55 40.48
CA GLY A 53 -11.38 18.67 41.53
C GLY A 53 -10.77 17.40 41.00
N PRO A 54 -10.04 16.68 41.84
CA PRO A 54 -9.34 15.48 41.39
C PRO A 54 -10.31 14.35 41.14
N PRO A 55 -9.90 13.31 40.42
CA PRO A 55 -10.78 12.14 40.24
C PRO A 55 -10.94 11.36 41.53
N LEU A 56 -12.21 11.07 41.87
CA LEU A 56 -12.49 10.26 43.05
C LEU A 56 -12.01 8.82 42.84
N ASP A 57 -12.44 8.18 41.75
CA ASP A 57 -11.98 6.84 41.43
C ASP A 57 -11.93 6.67 39.92
N ALA A 58 -11.22 5.61 39.51
CA ALA A 58 -11.07 5.28 38.10
C ALA A 58 -10.92 3.77 37.99
N LYS A 59 -11.60 3.17 37.00
CA LYS A 59 -11.52 1.73 36.79
C LYS A 59 -11.62 1.44 35.30
N ILE A 60 -11.06 0.30 34.91
CA ILE A 60 -11.13 -0.23 33.55
C ILE A 60 -11.98 -1.49 33.57
N PHE A 61 -12.84 -1.65 32.57
CA PHE A 61 -13.67 -2.84 32.43
C PHE A 61 -13.56 -3.38 31.02
N GLN A 62 -13.58 -4.70 30.89
CA GLN A 62 -13.56 -5.34 29.58
C GLN A 62 -14.56 -6.49 29.54
N GLY A 63 -15.08 -6.75 28.35
CA GLY A 63 -16.03 -7.82 28.14
C GLY A 63 -16.06 -8.21 26.69
N LYS A 64 -16.60 -9.39 26.42
CA LYS A 64 -16.67 -9.86 25.04
C LYS A 64 -17.92 -9.31 24.38
N VAL A 65 -17.84 -9.15 23.06
CA VAL A 65 -18.88 -8.40 22.35
C VAL A 65 -20.15 -9.23 22.22
N TYR A 66 -20.03 -10.50 21.85
CA TYR A 66 -21.20 -11.28 21.50
C TYR A 66 -22.09 -11.52 22.72
N PRO A 67 -23.41 -11.54 22.52
CA PRO A 67 -24.34 -11.63 23.66
C PRO A 67 -24.29 -12.89 24.51
N LYS A 68 -23.55 -12.80 25.62
CA LYS A 68 -24.06 -13.20 26.92
C LYS A 68 -24.09 -11.85 27.64
N ALA A 69 -25.12 -11.07 27.30
CA ALA A 69 -25.00 -9.61 27.32
C ALA A 69 -24.78 -9.03 28.70
N LYS A 70 -25.08 -9.76 29.78
CA LYS A 70 -24.82 -9.20 31.10
C LYS A 70 -23.34 -9.23 31.48
N TYR A 71 -22.46 -9.70 30.58
CA TYR A 71 -21.03 -9.65 30.80
C TYR A 71 -20.35 -8.58 29.95
N HIS A 72 -21.13 -7.66 29.40
CA HIS A 72 -20.54 -6.52 28.71
C HIS A 72 -20.00 -5.53 29.73
N PRO A 73 -18.97 -4.76 29.37
CA PRO A 73 -18.35 -3.86 30.37
C PRO A 73 -19.31 -2.80 30.90
N GLU A 74 -20.33 -2.42 30.13
CA GLU A 74 -21.31 -1.47 30.64
C GLU A 74 -22.04 -2.03 31.86
N MET A 75 -22.40 -3.31 31.82
CA MET A 75 -23.09 -3.92 32.96
C MET A 75 -22.15 -4.05 34.15
N ARG A 76 -20.88 -4.40 33.90
CA ARG A 76 -19.92 -4.54 34.99
C ARG A 76 -19.69 -3.21 35.71
N PHE A 77 -19.69 -2.10 34.96
CA PHE A 77 -19.60 -0.79 35.61
C PHE A 77 -20.79 -0.56 36.53
N LEU A 78 -21.99 -0.91 36.07
CA LEU A 78 -23.19 -0.70 36.88
C LEU A 78 -23.11 -1.48 38.19
N ARG A 79 -22.62 -2.71 38.14
CA ARG A 79 -22.49 -3.49 39.37
C ARG A 79 -21.43 -2.88 40.29
N TRP A 80 -20.28 -2.52 39.73
CA TRP A 80 -19.22 -1.91 40.54
C TRP A 80 -19.67 -0.57 41.11
N PHE A 81 -20.41 0.22 40.32
CA PHE A 81 -20.78 1.57 40.77
C PHE A 81 -21.79 1.52 41.90
N HIS A 82 -22.71 0.55 41.89
CA HIS A 82 -23.68 0.42 42.97
C HIS A 82 -22.97 0.13 44.29
N LYS A 83 -21.98 -0.77 44.27
CA LYS A 83 -21.17 -1.01 45.45
C LYS A 83 -20.42 0.25 45.87
N TRP A 84 -19.74 0.90 44.90
CA TRP A 84 -18.93 2.07 45.22
C TRP A 84 -19.78 3.20 45.80
N ARG A 85 -21.02 3.35 45.30
CA ARG A 85 -21.88 4.40 45.84
C ARG A 85 -22.21 4.16 47.31
N GLN A 86 -22.50 2.90 47.67
CA GLN A 86 -22.89 2.60 49.05
C GLN A 86 -21.73 2.73 50.02
N LEU A 87 -20.50 2.95 49.54
CA LEU A 87 -19.35 3.20 50.40
C LEU A 87 -18.95 4.68 50.45
N HIS A 88 -19.69 5.55 49.78
CA HIS A 88 -19.35 6.96 49.72
C HIS A 88 -20.58 7.82 50.02
N HIS A 89 -20.31 9.05 50.46
CA HIS A 89 -21.37 9.98 50.83
C HIS A 89 -22.15 10.43 49.60
N ASP A 90 -23.41 10.78 49.82
CA ASP A 90 -24.32 11.14 48.74
C ASP A 90 -24.04 12.58 48.32
N GLN A 91 -23.44 12.74 47.14
CA GLN A 91 -23.26 14.06 46.53
C GLN A 91 -23.55 13.90 45.05
N GLU A 92 -23.31 14.95 44.27
CA GLU A 92 -23.53 14.88 42.84
C GLU A 92 -22.27 14.34 42.17
N TYR A 93 -22.46 13.39 41.27
CA TYR A 93 -21.35 12.69 40.62
C TYR A 93 -21.44 12.87 39.11
N LYS A 94 -20.28 13.04 38.49
CA LYS A 94 -20.13 13.17 37.05
C LYS A 94 -19.30 12.01 36.55
N VAL A 95 -19.88 11.15 35.72
CA VAL A 95 -19.22 9.95 35.23
C VAL A 95 -18.85 10.13 33.77
N THR A 96 -17.67 9.64 33.40
CA THR A 96 -17.18 9.71 32.04
C THR A 96 -16.74 8.32 31.60
N TRP A 97 -17.12 7.92 30.39
CA TRP A 97 -16.68 6.66 29.81
C TRP A 97 -15.87 6.93 28.56
N TYR A 98 -14.81 6.15 28.38
CA TYR A 98 -14.17 5.94 27.09
C TYR A 98 -14.41 4.49 26.69
N VAL A 99 -15.15 4.28 25.61
CA VAL A 99 -15.53 2.94 25.16
C VAL A 99 -15.04 2.73 23.74
N SER A 100 -14.41 1.58 23.49
CA SER A 100 -13.95 1.28 22.14
C SER A 100 -15.12 1.04 21.20
N TRP A 101 -16.23 0.50 21.70
CA TRP A 101 -17.44 0.29 20.92
C TRP A 101 -18.60 0.98 21.61
N SER A 102 -19.51 1.55 20.81
CA SER A 102 -20.74 2.12 21.34
C SER A 102 -21.58 1.00 21.95
N PRO A 103 -22.50 1.33 22.85
CA PRO A 103 -23.18 0.28 23.61
C PRO A 103 -24.19 -0.47 22.76
N CYS A 104 -24.47 -1.70 23.20
CA CYS A 104 -25.48 -2.52 22.55
C CYS A 104 -26.87 -2.08 22.99
N THR A 105 -27.88 -2.73 22.44
CA THR A 105 -29.26 -2.32 22.72
C THR A 105 -29.65 -2.63 24.16
N ARG A 106 -29.18 -3.76 24.69
CA ARG A 106 -29.56 -4.15 26.05
C ARG A 106 -28.88 -3.25 27.07
N CYS A 107 -27.57 -3.05 26.94
CA CYS A 107 -26.83 -2.24 27.89
C CYS A 107 -27.31 -0.79 27.90
N ALA A 108 -27.66 -0.26 26.73
CA ALA A 108 -28.20 1.09 26.66
C ALA A 108 -29.44 1.23 27.52
N ASN A 109 -30.36 0.27 27.40
CA ASN A 109 -31.55 0.26 28.26
C ASN A 109 -31.16 0.22 29.73
N SER A 110 -30.27 -0.70 30.09
CA SER A 110 -29.89 -0.87 31.49
C SER A 110 -29.23 0.39 32.06
N VAL A 111 -28.46 1.09 31.23
CA VAL A 111 -27.86 2.35 31.68
C VAL A 111 -28.91 3.45 31.72
N ALA A 112 -29.81 3.47 30.74
CA ALA A 112 -30.93 4.41 30.79
C ALA A 112 -31.77 4.17 32.03
N THR A 113 -32.04 2.91 32.35
CA THR A 113 -32.68 2.55 33.60
C THR A 113 -31.96 3.17 34.79
N PHE A 114 -30.63 3.05 34.83
CA PHE A 114 -29.85 3.58 35.95
C PHE A 114 -29.97 5.09 36.08
N LEU A 115 -29.87 5.81 34.95
CA LEU A 115 -29.83 7.26 34.99
C LEU A 115 -31.14 7.87 35.45
N ALA A 116 -32.27 7.23 35.14
CA ALA A 116 -33.56 7.74 35.59
C ALA A 116 -33.68 7.69 37.11
N LYS A 117 -33.27 6.58 37.73
CA LYS A 117 -33.35 6.40 39.17
C LYS A 117 -32.29 7.17 39.93
N ASP A 118 -31.64 8.15 39.32
CA ASP A 118 -30.52 8.78 39.99
C ASP A 118 -30.18 10.10 39.31
N PRO A 119 -30.95 11.17 39.57
CA PRO A 119 -30.62 12.47 38.97
C PRO A 119 -29.36 13.08 39.54
N LYS A 120 -28.87 12.56 40.67
CA LYS A 120 -27.62 13.02 41.24
C LYS A 120 -26.42 12.68 40.38
N VAL A 121 -26.59 11.82 39.37
CA VAL A 121 -25.50 11.34 38.53
C VAL A 121 -25.78 11.74 37.09
N THR A 122 -24.80 12.38 36.46
CA THR A 122 -24.83 12.67 35.03
C THR A 122 -23.66 11.96 34.36
N LEU A 123 -23.91 11.42 33.16
CA LEU A 123 -22.96 10.55 32.49
C LEU A 123 -22.67 11.08 31.09
N THR A 124 -21.40 11.19 30.76
CA THR A 124 -20.94 11.51 29.41
C THR A 124 -20.21 10.30 28.84
N ILE A 125 -20.54 9.93 27.62
CA ILE A 125 -19.97 8.74 26.97
C ILE A 125 -19.23 9.18 25.73
N PHE A 126 -17.91 9.01 25.73
CA PHE A 126 -17.11 9.16 24.53
C PHE A 126 -16.83 7.78 23.97
N VAL A 127 -17.25 7.54 22.73
CA VAL A 127 -17.04 6.27 22.06
C VAL A 127 -16.01 6.48 20.96
N ALA A 128 -15.17 5.46 20.73
CA ALA A 128 -14.19 5.52 19.66
C ALA A 128 -14.82 5.17 18.32
N ARG A 129 -15.58 4.08 18.27
CA ARG A 129 -16.27 3.65 17.07
C ARG A 129 -17.75 3.45 17.37
N LEU A 130 -18.56 3.56 16.33
CA LEU A 130 -19.98 3.25 16.42
C LEU A 130 -20.21 1.80 16.02
N TYR A 131 -20.85 1.04 16.90
CA TYR A 131 -21.08 -0.38 16.70
C TYR A 131 -22.41 -0.59 15.98
N TYR A 132 -22.33 -1.13 14.76
CA TYR A 132 -23.52 -1.42 13.95
C TYR A 132 -24.38 -0.17 13.77
N PHE A 133 -23.74 0.96 13.46
CA PHE A 133 -24.48 2.20 13.31
C PHE A 133 -25.50 2.16 12.17
N TRP A 134 -25.44 1.14 11.31
CA TRP A 134 -26.42 0.99 10.24
C TRP A 134 -27.58 0.07 10.61
N LYS A 135 -27.52 -0.62 11.74
CA LYS A 135 -28.65 -1.48 12.09
C LYS A 135 -29.55 -0.75 13.06
N PRO A 136 -30.86 -0.66 12.77
CA PRO A 136 -31.73 0.24 13.52
C PRO A 136 -31.90 -0.11 14.98
N ASP A 137 -31.58 -1.35 15.38
CA ASP A 137 -31.56 -1.70 16.79
C ASP A 137 -30.59 -0.81 17.56
N TYR A 138 -29.32 -0.84 17.15
CA TYR A 138 -28.29 -0.11 17.87
C TYR A 138 -28.48 1.40 17.77
N GLN A 139 -29.15 1.88 16.72
CA GLN A 139 -29.48 3.30 16.64
C GLN A 139 -30.42 3.70 17.77
N GLN A 140 -31.54 2.98 17.94
CA GLN A 140 -32.44 3.25 19.05
C GLN A 140 -31.73 3.13 20.40
N ALA A 141 -30.78 2.19 20.51
CA ALA A 141 -30.01 2.09 21.73
C ALA A 141 -29.31 3.41 22.06
N LEU A 142 -28.72 4.04 21.04
CA LEU A 142 -28.05 5.32 21.26
C LEU A 142 -29.05 6.43 21.57
N ARG A 143 -30.16 6.47 20.84
CA ARG A 143 -31.16 7.52 21.08
C ARG A 143 -31.79 7.38 22.46
N ILE A 144 -32.13 6.14 22.86
CA ILE A 144 -32.63 5.90 24.21
C ILE A 144 -31.64 6.40 25.24
N LEU A 145 -30.34 6.24 24.97
CA LEU A 145 -29.33 6.62 25.95
C LEU A 145 -29.21 8.13 26.04
N ALA A 146 -29.22 8.82 24.90
CA ALA A 146 -29.23 10.28 24.91
C ALA A 146 -30.53 10.81 25.50
N GLU A 147 -31.65 10.12 25.24
CA GLU A 147 -32.94 10.58 25.73
C GLU A 147 -33.00 10.53 27.26
N ALA A 148 -32.28 9.59 27.87
CA ALA A 148 -32.21 9.49 29.32
C ALA A 148 -31.18 10.43 29.93
N GLY A 149 -30.58 11.32 29.13
CA GLY A 149 -29.72 12.38 29.63
C GLY A 149 -28.24 12.24 29.33
N ALA A 150 -27.80 11.08 28.85
CA ALA A 150 -26.37 10.85 28.64
C ALA A 150 -25.86 11.67 27.45
N THR A 151 -24.83 12.47 27.70
CA THR A 151 -24.08 13.07 26.60
C THR A 151 -23.33 11.98 25.84
N MET A 152 -23.42 12.03 24.52
CA MET A 152 -22.81 11.01 23.66
C MET A 152 -21.97 11.71 22.60
N LYS A 153 -20.66 11.55 22.68
CA LYS A 153 -19.73 12.21 21.80
C LYS A 153 -18.75 11.18 21.24
N ILE A 154 -18.13 11.52 20.14
CA ILE A 154 -17.07 10.70 19.58
C ILE A 154 -15.75 11.10 20.23
N MET A 155 -14.90 10.13 20.51
CA MET A 155 -13.57 10.41 21.00
C MET A 155 -12.77 11.13 19.91
N ASN A 156 -12.13 12.23 20.29
CA ASN A 156 -11.22 12.95 19.42
C ASN A 156 -9.84 12.95 20.07
N TYR A 157 -8.89 13.64 19.41
CA TYR A 157 -7.50 13.63 19.85
C TYR A 157 -7.39 13.89 21.35
N ASN A 158 -7.98 14.99 21.82
CA ASN A 158 -7.90 15.33 23.24
C ASN A 158 -8.38 14.19 24.12
N GLU A 159 -9.43 13.49 23.68
CA GLU A 159 -9.97 12.38 24.48
C GLU A 159 -9.04 11.18 24.43
N PHE A 160 -8.56 10.82 23.23
CA PHE A 160 -7.60 9.73 23.10
C PHE A 160 -6.34 9.99 23.91
N GLN A 161 -5.83 11.22 23.87
CA GLN A 161 -4.66 11.54 24.67
C GLN A 161 -4.97 11.47 26.16
N ASP A 162 -6.14 11.97 26.56
CA ASP A 162 -6.51 11.91 27.97
C ASP A 162 -6.70 10.48 28.44
N CYS A 163 -7.20 9.60 27.56
CA CYS A 163 -7.32 8.19 27.90
C CYS A 163 -5.94 7.55 28.02
N TRP A 164 -5.02 7.89 27.12
CA TRP A 164 -3.66 7.37 27.17
C TRP A 164 -2.94 7.80 28.44
N ASN A 165 -3.22 9.00 28.93
CA ASN A 165 -2.55 9.49 30.13
C ASN A 165 -3.03 8.77 31.38
N LYS A 166 -4.35 8.62 31.52
CA LYS A 166 -4.93 8.15 32.78
C LYS A 166 -5.06 6.63 32.88
N PHE A 167 -5.15 5.92 31.77
CA PHE A 167 -5.52 4.51 31.81
C PHE A 167 -4.51 3.57 31.16
N VAL A 168 -3.46 4.09 30.53
CA VAL A 168 -2.53 3.27 29.77
C VAL A 168 -1.17 3.35 30.44
N ASP A 169 -0.48 2.20 30.50
CA ASP A 169 0.85 2.10 31.10
C ASP A 169 1.89 2.60 30.10
N GLY A 170 1.86 3.92 29.88
CA GLY A 170 2.66 4.53 28.84
C GLY A 170 4.14 4.68 29.15
N ARG A 171 4.51 4.69 30.43
CA ARG A 171 5.89 4.93 30.87
C ARG A 171 6.37 6.30 30.43
N GLY A 172 5.52 7.32 30.62
CA GLY A 172 5.83 8.66 30.20
C GLY A 172 5.86 8.87 28.70
N LYS A 173 5.80 7.81 27.91
CA LYS A 173 5.80 7.97 26.46
C LYS A 173 4.55 8.70 26.04
N PRO A 174 4.63 9.67 25.13
CA PRO A 174 3.46 10.48 24.80
C PRO A 174 2.50 9.72 23.90
N PHE A 175 1.25 10.16 23.92
CA PHE A 175 0.28 9.64 22.97
C PHE A 175 0.70 10.04 21.57
N LYS A 176 0.78 9.07 20.67
CA LYS A 176 1.10 9.36 19.28
C LYS A 176 -0.08 8.95 18.41
N PRO A 177 -0.82 9.90 17.86
CA PRO A 177 -2.02 9.54 17.09
C PRO A 177 -1.65 8.77 15.83
N TRP A 178 -2.56 7.91 15.41
CA TRP A 178 -2.43 7.21 14.16
C TRP A 178 -2.87 8.11 13.01
N ASN A 179 -2.51 7.70 11.78
CA ASN A 179 -2.95 8.44 10.62
C ASN A 179 -4.45 8.26 10.41
N ASN A 180 -5.06 9.26 9.78
CA ASN A 180 -6.49 9.29 9.49
C ASN A 180 -7.34 9.37 10.75
N LEU A 181 -6.74 9.70 11.89
CA LEU A 181 -7.53 9.95 13.10
C LEU A 181 -8.57 11.04 12.91
N PRO A 182 -8.26 12.21 12.33
CA PRO A 182 -9.32 13.22 12.15
C PRO A 182 -10.32 12.88 11.07
N LYS A 183 -9.87 12.24 9.98
CA LYS A 183 -10.81 11.77 8.96
C LYS A 183 -11.89 10.90 9.56
N HIS A 184 -11.49 9.93 10.40
CA HIS A 184 -12.44 9.05 11.05
C HIS A 184 -13.36 9.81 12.00
N TYR A 185 -12.79 10.71 12.81
CA TYR A 185 -13.61 11.51 13.71
C TYR A 185 -14.70 12.26 12.95
N THR A 186 -14.34 12.85 11.81
CA THR A 186 -15.29 13.52 10.94
C THR A 186 -16.47 12.61 10.57
N LEU A 187 -16.16 11.43 10.03
CA LEU A 187 -17.20 10.51 9.60
C LEU A 187 -18.07 10.06 10.76
N LEU A 188 -17.46 9.76 11.90
CA LEU A 188 -18.21 9.23 13.03
C LEU A 188 -19.07 10.30 13.70
N GLN A 189 -18.56 11.53 13.77
CA GLN A 189 -19.35 12.59 14.41
C GLN A 189 -20.60 12.90 13.60
N ALA A 190 -20.46 13.00 12.26
CA ALA A 190 -21.63 13.22 11.43
C ALA A 190 -22.60 12.05 11.51
N THR A 191 -22.07 10.82 11.58
CA THR A 191 -22.93 9.64 11.70
C THR A 191 -23.71 9.68 13.00
N LEU A 192 -23.04 10.04 14.09
CA LEU A 192 -23.74 10.17 15.37
C LEU A 192 -24.79 11.28 15.29
N GLY A 193 -24.42 12.42 14.71
CA GLY A 193 -25.39 13.50 14.52
C GLY A 193 -26.62 13.03 13.76
N GLU A 194 -26.43 12.20 12.73
CA GLU A 194 -27.56 11.63 12.01
C GLU A 194 -28.39 10.73 12.91
N LEU A 195 -27.73 9.78 13.59
CA LEU A 195 -28.45 8.81 14.41
C LEU A 195 -29.23 9.50 15.52
N LEU A 196 -28.58 10.39 16.26
CA LEU A 196 -29.24 11.11 17.34
C LEU A 196 -30.14 12.24 16.85
N ARG A 197 -30.13 12.53 15.55
CA ARG A 197 -30.92 13.61 14.97
C ARG A 197 -30.61 14.94 15.66
N HIS A 198 -29.32 15.26 15.74
N HIS A 198 -29.33 15.23 15.77
CA HIS A 198 -28.87 16.52 16.30
CA HIS A 198 -28.88 16.53 16.28
C HIS A 198 -29.44 17.70 15.51
C HIS A 198 -29.54 17.65 15.49
N LEU A 199 -30.19 18.55 16.19
CA LEU A 199 -30.84 19.70 15.57
C LEU A 199 -30.04 20.97 15.85
N MET A 200 -30.13 21.92 14.92
CA MET A 200 -29.39 23.16 15.05
C MET A 200 -30.06 24.08 16.06
N ASP A 201 -29.26 24.83 16.79
CA ASP A 201 -29.80 25.81 17.72
C ASP A 201 -30.50 26.92 16.94
N PRO A 202 -31.70 27.33 17.34
CA PRO A 202 -32.48 28.26 16.50
C PRO A 202 -31.83 29.62 16.32
N GLY A 203 -31.17 30.13 17.36
CA GLY A 203 -30.42 31.37 17.19
C GLY A 203 -29.27 31.22 16.23
N THR A 204 -28.52 30.12 16.34
CA THR A 204 -27.41 29.85 15.42
C THR A 204 -27.87 29.88 13.97
N PHE A 205 -29.02 29.26 13.68
CA PHE A 205 -29.53 29.24 12.31
C PHE A 205 -29.83 30.64 11.80
N THR A 206 -30.45 31.48 12.64
CA THR A 206 -30.78 32.84 12.22
C THR A 206 -29.52 33.67 12.01
N SER A 207 -28.53 33.52 12.90
CA SER A 207 -27.33 34.34 12.82
C SER A 207 -26.54 34.06 11.54
N ASN A 208 -26.50 32.80 11.11
CA ASN A 208 -25.63 32.40 10.02
C ASN A 208 -26.33 32.33 8.68
N PHE A 209 -27.66 32.22 8.64
CA PHE A 209 -28.36 32.08 7.38
C PHE A 209 -29.10 33.35 6.96
N ASN A 210 -29.09 34.39 7.78
CA ASN A 210 -29.56 35.69 7.33
C ASN A 210 -28.75 36.13 6.12
N ASN A 211 -29.44 36.49 5.04
CA ASN A 211 -28.78 36.75 3.77
C ASN A 211 -28.56 38.24 3.53
N LYS A 212 -28.55 39.04 4.57
CA LYS A 212 -28.18 40.45 4.45
C LYS A 212 -26.66 40.58 4.35
N PRO A 213 -26.16 41.72 3.84
CA PRO A 213 -24.70 41.89 3.73
C PRO A 213 -24.00 41.70 5.07
N TRP A 214 -22.91 40.94 5.03
CA TRP A 214 -22.22 40.47 6.23
C TRP A 214 -21.34 41.58 6.80
N VAL A 215 -21.88 42.32 7.79
CA VAL A 215 -21.09 43.31 8.51
C VAL A 215 -20.41 42.71 9.73
N SER A 216 -20.61 41.43 10.00
CA SER A 216 -20.08 40.82 11.21
C SER A 216 -18.69 40.24 10.95
N GLY A 217 -18.03 39.85 12.02
CA GLY A 217 -16.68 39.32 11.92
C GLY A 217 -16.57 37.81 11.92
N GLN A 218 -17.49 37.14 12.60
CA GLN A 218 -17.48 35.68 12.68
C GLN A 218 -17.51 35.07 11.29
N HIS A 219 -16.46 34.35 10.92
CA HIS A 219 -16.48 33.55 9.70
C HIS A 219 -16.56 32.08 10.10
N GLU A 220 -17.75 31.51 9.93
CA GLU A 220 -17.96 30.07 10.00
C GLU A 220 -19.05 29.71 9.00
N THR A 221 -19.01 28.48 8.49
CA THR A 221 -19.95 28.02 7.48
C THR A 221 -20.74 26.84 8.03
N TYR A 222 -22.06 26.95 8.03
CA TYR A 222 -22.94 25.85 8.36
C TYR A 222 -23.60 25.32 7.09
N LEU A 223 -23.63 23.99 6.97
CA LEU A 223 -24.08 23.31 5.76
C LEU A 223 -25.06 22.22 6.15
N CYS A 224 -26.30 22.36 5.70
CA CYS A 224 -27.30 21.32 5.90
C CYS A 224 -27.33 20.43 4.67
N TYR A 225 -27.63 19.15 4.87
CA TYR A 225 -27.59 18.19 3.78
C TYR A 225 -28.71 17.17 3.91
N LYS A 226 -29.18 16.70 2.76
CA LYS A 226 -30.19 15.66 2.69
C LYS A 226 -29.97 14.88 1.40
N VAL A 227 -30.39 13.61 1.40
CA VAL A 227 -30.25 12.73 0.25
C VAL A 227 -31.62 12.19 -0.14
N GLU A 228 -31.90 12.17 -1.43
CA GLU A 228 -33.11 11.60 -1.96
C GLU A 228 -32.77 10.56 -3.03
N ARG A 229 -33.64 9.57 -3.18
CA ARG A 229 -33.47 8.48 -4.12
C ARG A 229 -34.59 8.54 -5.15
N LEU A 230 -34.28 8.20 -6.39
CA LEU A 230 -35.28 8.17 -7.45
C LEU A 230 -35.96 6.80 -7.42
N HIS A 231 -37.26 6.80 -7.11
CA HIS A 231 -38.05 5.58 -7.04
C HIS A 231 -39.34 5.85 -7.80
N ASN A 232 -39.55 5.11 -8.88
CA ASN A 232 -40.57 5.40 -9.90
C ASN A 232 -40.20 6.74 -10.51
N ASP A 233 -41.01 7.79 -10.37
CA ASP A 233 -40.63 9.13 -10.80
C ASP A 233 -40.63 10.12 -9.64
N THR A 234 -40.69 9.64 -8.41
CA THR A 234 -40.69 10.48 -7.21
C THR A 234 -39.31 10.46 -6.56
N TRP A 235 -38.95 11.59 -5.95
CA TRP A 235 -37.74 11.69 -5.13
C TRP A 235 -38.09 11.32 -3.69
N VAL A 236 -37.68 10.12 -3.28
CA VAL A 236 -38.02 9.58 -1.97
C VAL A 236 -36.87 9.88 -1.01
N PRO A 237 -37.13 10.53 0.13
CA PRO A 237 -36.04 10.86 1.07
C PRO A 237 -35.39 9.60 1.64
N LEU A 238 -34.06 9.55 1.58
CA LEU A 238 -33.31 8.54 2.32
C LEU A 238 -33.33 8.88 3.81
N ASN A 239 -34.47 8.65 4.46
CA ASN A 239 -34.64 9.00 5.87
C ASN A 239 -33.65 8.24 6.75
N GLN A 240 -32.39 8.67 6.71
CA GLN A 240 -31.33 8.07 7.50
C GLN A 240 -30.05 8.90 7.35
N HIS A 241 -29.99 9.71 6.28
CA HIS A 241 -28.81 10.50 5.93
C HIS A 241 -29.25 11.95 5.77
N ARG A 242 -29.45 12.63 6.89
CA ARG A 242 -29.64 14.08 6.82
C ARG A 242 -29.27 14.69 8.16
N GLY A 243 -28.49 15.75 8.09
CA GLY A 243 -28.05 16.45 9.28
C GLY A 243 -27.46 17.76 8.86
N PHE A 244 -26.64 18.32 9.74
CA PHE A 244 -25.91 19.53 9.41
C PHE A 244 -24.50 19.40 9.95
N LEU A 245 -23.60 20.18 9.36
CA LEU A 245 -22.22 20.17 9.81
C LEU A 245 -21.61 21.53 9.52
N ARG A 246 -20.50 21.81 10.20
CA ARG A 246 -19.79 23.06 10.06
C ARG A 246 -18.32 22.76 9.81
N ASN A 247 -17.58 23.82 9.48
CA ASN A 247 -16.17 23.69 9.12
C ASN A 247 -15.30 23.47 10.35
N GLN A 248 -14.20 22.74 10.15
CA GLN A 248 -13.28 22.35 11.21
C GLN A 248 -12.23 23.42 11.40
N ALA A 249 -12.16 23.98 12.60
CA ALA A 249 -11.12 24.96 12.91
C ALA A 249 -9.74 24.33 12.74
N PRO A 250 -8.73 25.12 12.37
CA PRO A 250 -7.39 24.55 12.20
C PRO A 250 -6.82 24.06 13.53
N ASN A 251 -6.16 22.90 13.47
CA ASN A 251 -5.65 22.27 14.68
C ASN A 251 -4.48 21.38 14.33
N ILE A 252 -3.37 21.55 15.06
CA ILE A 252 -2.19 20.72 14.83
C ILE A 252 -2.47 19.27 15.19
N HIS A 253 -3.45 19.02 16.05
CA HIS A 253 -3.84 17.68 16.45
C HIS A 253 -5.07 17.19 15.69
N GLY A 254 -5.42 17.85 14.59
CA GLY A 254 -6.48 17.40 13.72
C GLY A 254 -6.15 17.65 12.26
N PHE A 255 -6.83 18.64 11.67
CA PHE A 255 -6.45 19.14 10.36
C PHE A 255 -5.62 20.40 10.58
N PRO A 256 -4.34 20.40 10.23
CA PRO A 256 -3.50 21.56 10.60
C PRO A 256 -3.93 22.87 9.96
N LYS A 257 -4.58 22.83 8.80
CA LYS A 257 -5.05 24.04 8.14
C LYS A 257 -6.58 24.15 8.16
N GLY A 258 -7.23 23.40 9.04
CA GLY A 258 -8.68 23.40 9.08
C GLY A 258 -9.25 22.56 7.95
N ARG A 259 -10.57 22.39 7.98
CA ARG A 259 -11.29 21.72 6.90
C ARG A 259 -12.61 22.43 6.66
N HIS A 260 -12.76 23.06 5.50
CA HIS A 260 -14.01 23.72 5.13
C HIS A 260 -15.17 22.74 5.11
N ALA A 261 -16.37 23.25 5.41
CA ALA A 261 -17.55 22.42 5.53
C ALA A 261 -17.86 21.68 4.24
N ALA A 262 -17.60 22.30 3.09
CA ALA A 262 -17.84 21.62 1.82
C ALA A 262 -16.99 20.36 1.68
N LEU A 263 -15.77 20.38 2.21
CA LEU A 263 -14.90 19.21 2.09
C LEU A 263 -15.36 18.08 3.02
N CYS A 264 -15.74 18.42 4.26
CA CYS A 264 -16.24 17.39 5.17
C CYS A 264 -17.51 16.75 4.61
N PHE A 265 -18.33 17.55 3.94
CA PHE A 265 -19.54 17.04 3.31
C PHE A 265 -19.19 16.06 2.18
N LEU A 266 -18.19 16.39 1.37
CA LEU A 266 -17.73 15.47 0.33
C LEU A 266 -17.21 14.17 0.92
N ASP A 267 -16.59 14.23 2.10
CA ASP A 267 -16.05 13.03 2.73
C ASP A 267 -17.16 12.05 3.12
N LEU A 268 -18.31 12.57 3.54
CA LEU A 268 -19.42 11.71 3.96
C LEU A 268 -19.98 10.88 2.82
N ILE A 269 -20.10 11.48 1.63
CA ILE A 269 -20.85 10.84 0.54
C ILE A 269 -20.34 9.44 0.23
N PRO A 270 -19.03 9.19 0.08
CA PRO A 270 -18.59 7.80 -0.14
C PRO A 270 -18.87 6.89 1.06
N PHE A 271 -18.89 7.44 2.28
CA PHE A 271 -19.13 6.64 3.47
C PHE A 271 -20.54 6.10 3.52
N TRP A 272 -21.48 6.70 2.78
CA TRP A 272 -22.86 6.24 2.76
C TRP A 272 -23.02 4.92 2.01
N LYS A 273 -22.07 4.57 1.14
CA LYS A 273 -22.13 3.36 0.31
C LYS A 273 -23.35 3.37 -0.60
N LEU A 274 -23.50 4.45 -1.35
CA LEU A 274 -24.60 4.54 -2.31
C LEU A 274 -24.31 3.67 -3.53
N ASP A 275 -25.36 3.06 -4.07
CA ASP A 275 -25.24 2.21 -5.24
C ASP A 275 -25.15 3.06 -6.51
N GLY A 276 -25.32 2.42 -7.66
CA GLY A 276 -25.35 3.08 -8.94
C GLY A 276 -26.66 3.74 -9.30
N GLN A 277 -27.69 3.62 -8.47
CA GLN A 277 -28.99 4.21 -8.74
C GLN A 277 -28.90 5.74 -8.80
N GLN A 278 -30.01 6.36 -9.20
CA GLN A 278 -30.11 7.82 -9.26
C GLN A 278 -30.25 8.38 -7.86
N TYR A 279 -29.29 9.20 -7.45
CA TYR A 279 -29.33 9.88 -6.15
C TYR A 279 -29.14 11.37 -6.35
N ARG A 280 -29.88 12.15 -5.57
CA ARG A 280 -29.77 13.61 -5.55
C ARG A 280 -29.38 14.06 -4.16
N VAL A 281 -28.17 14.61 -4.04
CA VAL A 281 -27.69 15.12 -2.76
C VAL A 281 -27.91 16.63 -2.75
N THR A 282 -28.74 17.09 -1.83
CA THR A 282 -29.08 18.50 -1.69
C THR A 282 -28.36 19.06 -0.48
N CYS A 283 -27.78 20.25 -0.63
CA CYS A 283 -27.15 20.89 0.52
C CYS A 283 -27.54 22.36 0.56
N PHE A 284 -27.74 22.88 1.77
CA PHE A 284 -28.07 24.29 2.02
C PHE A 284 -26.94 24.87 2.87
N THR A 285 -26.07 25.67 2.26
CA THR A 285 -24.89 26.20 2.92
C THR A 285 -25.08 27.69 3.17
N SER A 286 -24.61 28.16 4.33
CA SER A 286 -24.71 29.57 4.65
C SER A 286 -23.76 30.42 3.80
N TRP A 287 -22.71 29.81 3.23
CA TRP A 287 -21.79 30.50 2.33
C TRP A 287 -21.62 29.68 1.05
N SER A 288 -21.56 30.37 -0.08
CA SER A 288 -21.17 29.72 -1.31
C SER A 288 -19.74 29.21 -1.16
N PRO A 289 -19.39 28.10 -1.80
CA PRO A 289 -18.03 27.56 -1.67
C PRO A 289 -16.98 28.54 -2.16
N CYS A 290 -15.79 28.43 -1.59
CA CYS A 290 -14.64 29.11 -2.14
C CYS A 290 -14.17 28.40 -3.41
N PHE A 291 -13.06 28.84 -3.97
CA PHE A 291 -12.61 28.26 -5.23
C PHE A 291 -12.15 26.82 -5.04
N SER A 292 -11.33 26.57 -4.03
CA SER A 292 -10.76 25.24 -3.87
C SER A 292 -11.83 24.22 -3.46
N CYS A 293 -12.79 24.62 -2.63
CA CYS A 293 -13.87 23.71 -2.26
C CYS A 293 -14.79 23.44 -3.44
N ALA A 294 -15.15 24.49 -4.18
CA ALA A 294 -15.96 24.30 -5.38
C ALA A 294 -15.24 23.45 -6.42
N GLN A 295 -13.91 23.56 -6.52
CA GLN A 295 -13.18 22.74 -7.47
C GLN A 295 -13.23 21.27 -7.08
N GLU A 296 -13.20 20.98 -5.78
CA GLU A 296 -13.27 19.60 -5.32
C GLU A 296 -14.66 19.02 -5.53
N MET A 297 -15.71 19.82 -5.29
CA MET A 297 -17.07 19.36 -5.52
C MET A 297 -17.33 19.11 -7.00
N ALA A 298 -16.84 20.00 -7.87
CA ALA A 298 -16.97 19.79 -9.31
C ALA A 298 -16.26 18.51 -9.73
N LYS A 299 -15.03 18.33 -9.27
CA LYS A 299 -14.29 17.08 -9.47
C LYS A 299 -15.10 15.87 -9.04
N PHE A 300 -15.98 16.02 -8.03
CA PHE A 300 -16.72 14.87 -7.51
C PHE A 300 -17.84 14.45 -8.44
N ILE A 301 -18.78 15.36 -8.73
CA ILE A 301 -19.88 15.04 -9.63
C ILE A 301 -19.36 14.68 -11.01
N SER A 302 -18.16 15.16 -11.34
CA SER A 302 -17.49 14.75 -12.57
C SER A 302 -17.37 13.23 -12.64
N ASN A 303 -16.82 12.62 -11.59
CA ASN A 303 -16.58 11.18 -11.56
C ASN A 303 -17.76 10.38 -11.02
N ASN A 304 -18.89 11.03 -10.71
CA ASN A 304 -20.08 10.33 -10.21
C ASN A 304 -21.30 10.96 -10.89
N GLU A 305 -21.63 10.47 -12.08
CA GLU A 305 -22.76 11.00 -12.83
C GLU A 305 -24.07 10.28 -12.51
N HIS A 306 -24.06 9.36 -11.55
CA HIS A 306 -25.29 8.83 -10.99
C HIS A 306 -25.73 9.62 -9.77
N VAL A 307 -24.96 10.63 -9.38
CA VAL A 307 -25.27 11.51 -8.26
C VAL A 307 -25.33 12.94 -8.79
N SER A 308 -26.50 13.56 -8.68
CA SER A 308 -26.64 14.97 -8.98
C SER A 308 -26.61 15.76 -7.67
N LEU A 309 -26.35 17.05 -7.80
CA LEU A 309 -25.93 17.84 -6.65
C LEU A 309 -26.58 19.21 -6.73
N CYS A 310 -27.42 19.51 -5.75
CA CYS A 310 -28.12 20.79 -5.66
C CYS A 310 -27.53 21.54 -4.48
N ILE A 311 -27.01 22.73 -4.74
CA ILE A 311 -26.29 23.53 -3.75
C ILE A 311 -27.01 24.86 -3.63
N PHE A 312 -27.71 25.06 -2.53
CA PHE A 312 -28.34 26.34 -2.23
C PHE A 312 -27.48 27.07 -1.21
N ALA A 313 -27.23 28.36 -1.47
CA ALA A 313 -26.40 29.18 -0.62
C ALA A 313 -27.20 30.39 -0.14
N ALA A 314 -26.98 30.77 1.12
CA ALA A 314 -27.63 31.95 1.66
C ALA A 314 -26.94 33.23 1.23
N ARG A 315 -25.61 33.20 1.08
CA ARG A 315 -24.82 34.36 0.74
C ARG A 315 -23.70 33.93 -0.18
N ILE A 316 -23.17 34.88 -0.95
CA ILE A 316 -22.06 34.61 -1.86
C ILE A 316 -20.77 34.94 -1.11
N TYR A 317 -19.87 33.96 -1.03
CA TYR A 317 -18.62 34.14 -0.31
C TYR A 317 -17.58 34.71 -1.27
N ASP A 318 -17.22 35.97 -1.06
CA ASP A 318 -16.09 36.58 -1.74
C ASP A 318 -14.82 36.15 -1.00
N ASP A 319 -14.05 35.24 -1.60
CA ASP A 319 -12.85 34.72 -0.96
C ASP A 319 -11.61 35.51 -1.34
N GLN A 320 -11.79 36.72 -1.87
CA GLN A 320 -10.70 37.58 -2.33
C GLN A 320 -9.81 36.85 -3.34
N GLY A 321 -10.39 35.90 -4.07
CA GLY A 321 -9.64 35.09 -5.00
C GLY A 321 -10.40 34.71 -6.26
N ARG A 322 -10.43 33.42 -6.57
CA ARG A 322 -11.02 32.89 -7.79
C ARG A 322 -12.44 32.36 -7.57
N TYR A 323 -13.16 32.89 -6.58
CA TYR A 323 -14.43 32.30 -6.18
C TYR A 323 -15.44 32.31 -7.33
N GLN A 324 -15.42 33.35 -8.15
CA GLN A 324 -16.32 33.41 -9.30
C GLN A 324 -16.00 32.32 -10.30
N GLU A 325 -14.72 32.01 -10.48
CA GLU A 325 -14.34 30.92 -11.37
C GLU A 325 -14.79 29.58 -10.81
N GLY A 326 -14.66 29.39 -9.50
CA GLY A 326 -15.13 28.15 -8.89
C GLY A 326 -16.61 27.94 -9.08
N LEU A 327 -17.41 29.01 -8.91
CA LEU A 327 -18.85 28.90 -9.11
C LEU A 327 -19.20 28.58 -10.55
N ARG A 328 -18.47 29.16 -11.50
CA ARG A 328 -18.69 28.82 -12.90
C ARG A 328 -18.32 27.37 -13.16
N THR A 329 -17.16 26.92 -12.65
CA THR A 329 -16.76 25.52 -12.80
C THR A 329 -17.83 24.59 -12.24
N LEU A 330 -18.44 24.97 -11.13
CA LEU A 330 -19.46 24.14 -10.51
C LEU A 330 -20.70 24.04 -11.40
N HIS A 331 -21.05 25.14 -12.06
CA HIS A 331 -22.21 25.16 -12.93
C HIS A 331 -21.95 24.39 -14.24
N ARG A 332 -20.74 24.50 -14.80
CA ARG A 332 -20.45 23.83 -16.06
C ARG A 332 -20.40 22.30 -15.93
N ASP A 333 -20.30 21.78 -14.71
CA ASP A 333 -20.07 20.36 -14.52
C ASP A 333 -21.29 19.61 -14.03
N GLY A 334 -22.47 20.25 -14.03
CA GLY A 334 -23.71 19.59 -13.72
C GLY A 334 -24.34 19.92 -12.40
N ALA A 335 -23.66 20.68 -11.54
CA ALA A 335 -24.21 21.03 -10.24
C ALA A 335 -25.20 22.18 -10.40
N LYS A 336 -26.35 22.06 -9.73
CA LYS A 336 -27.29 23.17 -9.61
C LYS A 336 -26.79 24.12 -8.53
N ILE A 337 -26.78 25.42 -8.84
CA ILE A 337 -26.32 26.45 -7.91
C ILE A 337 -27.37 27.54 -7.88
N ALA A 338 -27.93 27.80 -6.71
CA ALA A 338 -28.95 28.83 -6.58
C ALA A 338 -28.86 29.43 -5.19
N MET A 339 -29.29 30.69 -5.07
CA MET A 339 -29.42 31.33 -3.78
C MET A 339 -30.72 30.86 -3.13
N MET A 340 -30.66 30.68 -1.81
CA MET A 340 -31.86 30.31 -1.06
C MET A 340 -32.88 31.42 -1.12
N ASN A 341 -34.14 31.05 -1.40
CA ASN A 341 -35.27 31.96 -1.32
C ASN A 341 -36.03 31.65 -0.04
N TYR A 342 -37.14 32.34 0.19
CA TYR A 342 -37.96 32.06 1.37
C TYR A 342 -38.30 30.57 1.45
N SER A 343 -38.60 29.95 0.30
CA SER A 343 -38.86 28.52 0.22
C SER A 343 -37.83 27.70 1.00
N GLU A 344 -36.55 27.88 0.67
CA GLU A 344 -35.50 27.05 1.27
C GLU A 344 -35.26 27.43 2.73
N PHE A 345 -35.29 28.72 3.05
CA PHE A 345 -35.06 29.13 4.43
C PHE A 345 -36.12 28.54 5.36
N GLU A 346 -37.38 28.51 4.93
CA GLU A 346 -38.41 27.91 5.75
C GLU A 346 -38.21 26.40 5.86
N TYR A 347 -37.80 25.75 4.77
CA TYR A 347 -37.53 24.32 4.80
C TYR A 347 -36.44 23.99 5.81
N CYS A 348 -35.33 24.73 5.76
CA CYS A 348 -34.24 24.48 6.71
C CYS A 348 -34.68 24.70 8.14
N TRP A 349 -35.46 25.77 8.38
CA TRP A 349 -36.00 25.99 9.72
C TRP A 349 -36.84 24.81 10.18
N ASP A 350 -37.81 24.40 9.35
CA ASP A 350 -38.71 23.34 9.76
C ASP A 350 -38.01 21.99 9.94
N THR A 351 -36.94 21.76 9.18
CA THR A 351 -36.33 20.43 9.09
C THR A 351 -35.08 20.24 9.95
N PHE A 352 -34.17 21.23 9.99
CA PHE A 352 -32.88 21.05 10.64
C PHE A 352 -32.73 21.82 11.94
N VAL A 353 -33.69 22.65 12.31
CA VAL A 353 -33.57 23.52 13.48
C VAL A 353 -34.38 22.94 14.63
N ASP A 354 -33.86 23.09 15.85
CA ASP A 354 -34.60 22.75 17.06
C ASP A 354 -35.62 23.85 17.33
N ARG A 355 -36.63 23.90 16.46
CA ARG A 355 -37.62 24.98 16.51
C ARG A 355 -38.65 24.76 17.61
N GLN A 356 -38.98 23.50 17.90
CA GLN A 356 -39.97 23.14 18.91
C GLN A 356 -41.29 23.89 18.69
N GLY A 357 -41.94 23.54 17.58
CA GLY A 357 -43.23 24.09 17.24
C GLY A 357 -43.22 25.40 16.49
N ARG A 358 -42.35 26.33 16.92
CA ARG A 358 -42.30 27.67 16.36
C ARG A 358 -42.21 27.62 14.84
N PRO A 359 -43.06 28.35 14.13
CA PRO A 359 -42.93 28.44 12.67
C PRO A 359 -41.80 29.39 12.29
N PHE A 360 -41.41 29.33 11.01
CA PHE A 360 -40.29 30.12 10.54
C PHE A 360 -40.62 31.61 10.64
N GLN A 361 -39.76 32.35 11.33
CA GLN A 361 -39.91 33.80 11.52
C GLN A 361 -38.91 34.53 10.64
N PRO A 362 -39.31 34.96 9.44
CA PRO A 362 -38.35 35.60 8.52
C PRO A 362 -37.73 36.86 9.10
N TRP A 363 -36.44 37.05 8.81
CA TRP A 363 -35.79 38.31 9.11
C TRP A 363 -36.17 39.37 8.07
N ASP A 364 -35.87 40.62 8.38
CA ASP A 364 -36.24 41.72 7.51
C ASP A 364 -35.44 41.69 6.22
N GLY A 365 -36.12 41.94 5.11
CA GLY A 365 -35.46 42.00 3.82
C GLY A 365 -35.06 40.66 3.25
N LEU A 366 -35.69 39.58 3.71
CA LEU A 366 -35.33 38.25 3.23
C LEU A 366 -35.53 38.14 1.73
N ASP A 367 -36.78 38.33 1.28
CA ASP A 367 -37.08 38.17 -0.14
C ASP A 367 -36.33 39.18 -0.99
N GLU A 368 -36.02 40.36 -0.42
CA GLU A 368 -35.29 41.37 -1.17
C GLU A 368 -33.82 40.99 -1.31
N HIS A 369 -33.14 40.70 -0.20
CA HIS A 369 -31.77 40.20 -0.28
C HIS A 369 -31.69 38.93 -1.11
N SER A 370 -32.71 38.07 -1.01
CA SER A 370 -32.72 36.84 -1.78
C SER A 370 -32.74 37.14 -3.28
N GLN A 371 -33.58 38.08 -3.71
CA GLN A 371 -33.61 38.44 -5.13
C GLN A 371 -32.31 39.07 -5.56
N ALA A 372 -31.74 39.96 -4.74
CA ALA A 372 -30.51 40.65 -5.10
C ALA A 372 -29.37 39.68 -5.30
N LEU A 373 -29.26 38.65 -4.44
CA LEU A 373 -28.19 37.68 -4.59
C LEU A 373 -28.42 36.79 -5.81
N SER A 374 -29.68 36.45 -6.09
CA SER A 374 -29.99 35.66 -7.28
C SER A 374 -29.54 36.37 -8.55
N GLY A 375 -29.72 37.70 -8.60
CA GLY A 375 -29.24 38.45 -9.74
C GLY A 375 -27.72 38.47 -9.81
N ARG A 376 -27.07 38.74 -8.68
CA ARG A 376 -25.61 38.73 -8.66
C ARG A 376 -25.04 37.36 -9.02
N LEU A 377 -25.75 36.27 -8.66
CA LEU A 377 -25.25 34.94 -8.99
C LEU A 377 -25.38 34.66 -10.48
N ARG A 378 -26.52 35.01 -11.08
CA ARG A 378 -26.64 34.90 -12.53
C ARG A 378 -25.52 35.67 -13.22
N ALA A 379 -25.28 36.92 -12.80
CA ALA A 379 -24.19 37.72 -13.36
C ALA A 379 -22.88 36.95 -13.39
N ILE A 380 -22.59 36.19 -12.32
CA ILE A 380 -21.36 35.40 -12.29
C ILE A 380 -21.40 34.30 -13.34
N LEU A 381 -22.54 33.61 -13.47
CA LEU A 381 -22.63 32.44 -14.33
C LEU A 381 -22.75 32.78 -15.80
N GLN A 382 -23.31 33.95 -16.14
CA GLN A 382 -23.46 34.35 -17.54
C GLN A 382 -22.32 35.27 -17.96
N ASN A 383 -21.09 34.95 -17.57
CA ASN A 383 -19.94 35.78 -17.91
C ASN A 383 -18.65 34.96 -17.96
N ASN B 14 16.04 -33.84 10.07
CA ASN B 14 15.92 -34.45 11.39
C ASN B 14 16.94 -33.90 12.38
N MET B 15 18.20 -34.31 12.23
CA MET B 15 19.27 -33.90 13.14
C MET B 15 19.59 -32.42 13.02
N VAL B 16 18.60 -31.61 12.65
CA VAL B 16 18.69 -30.17 12.63
C VAL B 16 17.74 -29.64 13.71
N GLU B 17 18.22 -28.70 14.52
CA GLU B 17 17.33 -27.95 15.37
C GLU B 17 16.65 -26.88 14.52
N PRO B 18 15.45 -27.13 14.02
CA PRO B 18 14.91 -26.31 12.94
C PRO B 18 14.65 -24.88 13.40
N MET B 19 14.58 -23.98 12.43
CA MET B 19 14.37 -22.58 12.70
C MET B 19 12.89 -22.22 12.66
N ASP B 20 12.56 -21.15 13.37
CA ASP B 20 11.17 -20.69 13.43
C ASP B 20 10.71 -20.30 12.03
N PRO B 21 9.48 -20.64 11.65
CA PRO B 21 8.99 -20.22 10.32
C PRO B 21 8.98 -18.71 10.14
N ARG B 22 8.71 -17.95 11.21
CA ARG B 22 8.79 -16.50 11.10
C ARG B 22 10.21 -16.07 10.76
N THR B 23 11.21 -16.78 11.30
CA THR B 23 12.60 -16.48 10.97
C THR B 23 12.86 -16.70 9.49
N PHE B 24 12.43 -17.84 8.96
CA PHE B 24 12.70 -18.17 7.56
C PHE B 24 12.03 -17.19 6.62
N VAL B 25 10.76 -16.87 6.88
CA VAL B 25 9.99 -16.01 5.98
C VAL B 25 10.60 -14.63 5.89
N SER B 26 11.07 -14.09 7.02
CA SER B 26 11.63 -12.75 7.03
C SER B 26 13.07 -12.72 6.52
N ASN B 27 13.85 -13.76 6.78
CA ASN B 27 15.28 -13.75 6.45
C ASN B 27 15.58 -14.22 5.04
N PHE B 28 14.83 -15.17 4.51
CA PHE B 28 15.08 -15.70 3.16
C PHE B 28 14.20 -15.04 2.11
N ASN B 29 13.59 -13.91 2.44
CA ASN B 29 12.89 -13.11 1.43
C ASN B 29 13.90 -12.60 0.41
N ASN B 30 13.64 -12.85 -0.87
CA ASN B 30 14.63 -12.62 -1.92
C ASN B 30 14.46 -11.25 -2.60
N ARG B 31 13.89 -10.28 -1.91
CA ARG B 31 13.90 -8.92 -2.44
C ARG B 31 15.35 -8.45 -2.55
N PRO B 32 15.80 -8.03 -3.73
CA PRO B 32 17.24 -7.73 -3.88
C PRO B 32 17.75 -6.61 -2.97
N ILE B 33 16.94 -5.59 -2.73
CA ILE B 33 17.28 -4.50 -1.82
C ILE B 33 16.39 -4.64 -0.60
N LEU B 34 16.99 -4.94 0.55
CA LEU B 34 16.21 -5.30 1.74
C LEU B 34 17.02 -4.97 2.99
N SER B 35 16.63 -3.91 3.70
CA SER B 35 17.31 -3.53 4.93
C SER B 35 16.70 -4.24 6.14
N GLY B 36 17.41 -4.13 7.27
CA GLY B 36 16.93 -4.67 8.53
C GLY B 36 17.33 -6.09 8.83
N LEU B 37 18.01 -6.77 7.91
CA LEU B 37 18.42 -8.16 8.09
C LEU B 37 19.92 -8.18 8.34
N ASP B 38 20.31 -8.08 9.61
CA ASP B 38 21.71 -8.00 10.02
C ASP B 38 22.34 -9.36 10.25
N THR B 39 21.61 -10.44 9.97
CA THR B 39 22.06 -11.80 10.26
C THR B 39 22.14 -12.60 8.97
N VAL B 40 23.15 -13.47 8.89
CA VAL B 40 23.30 -14.41 7.79
C VAL B 40 22.90 -15.78 8.31
N TRP B 41 21.91 -16.39 7.67
CA TRP B 41 21.48 -17.74 7.99
C TRP B 41 22.04 -18.68 6.94
N LEU B 42 22.69 -19.75 7.39
CA LEU B 42 23.32 -20.71 6.51
C LEU B 42 22.80 -22.09 6.88
N CYS B 43 21.94 -22.64 6.04
CA CYS B 43 21.51 -24.03 6.15
C CYS B 43 22.33 -24.87 5.18
N CYS B 44 22.88 -25.98 5.67
CA CYS B 44 23.71 -26.79 4.79
C CYS B 44 23.41 -28.27 4.99
N GLU B 45 23.58 -29.03 3.90
CA GLU B 45 23.52 -30.48 3.89
C GLU B 45 24.86 -31.05 3.46
N VAL B 46 25.16 -32.25 3.95
CA VAL B 46 26.29 -33.04 3.49
C VAL B 46 25.74 -34.34 2.91
N LYS B 47 26.18 -34.68 1.71
CA LYS B 47 25.77 -35.91 1.06
C LYS B 47 27.00 -36.62 0.48
N THR B 48 26.78 -37.82 -0.01
CA THR B 48 27.83 -38.63 -0.62
C THR B 48 27.88 -38.41 -2.12
N LYS B 49 28.70 -39.20 -2.82
CA LYS B 49 28.74 -39.18 -4.28
C LYS B 49 27.36 -39.45 -4.88
N ASP B 50 26.56 -40.27 -4.23
CA ASP B 50 25.30 -40.72 -4.79
C ASP B 50 24.21 -39.68 -4.54
N PRO B 51 23.59 -39.12 -5.58
CA PRO B 51 22.50 -38.15 -5.33
C PRO B 51 21.31 -38.79 -4.64
N SER B 52 20.95 -40.02 -5.02
CA SER B 52 19.84 -40.71 -4.38
C SER B 52 20.12 -40.95 -2.90
N GLY B 53 21.38 -41.08 -2.52
CA GLY B 53 21.76 -41.42 -1.16
C GLY B 53 21.28 -40.43 -0.13
N PRO B 54 21.27 -40.85 1.13
CA PRO B 54 20.67 -40.04 2.19
C PRO B 54 21.57 -38.88 2.57
N PRO B 55 21.03 -37.86 3.23
CA PRO B 55 21.88 -36.82 3.82
C PRO B 55 22.63 -37.38 5.02
N LEU B 56 23.95 -37.18 5.04
CA LEU B 56 24.74 -37.64 6.18
C LEU B 56 24.42 -36.85 7.44
N ASP B 57 24.55 -35.53 7.36
CA ASP B 57 24.21 -34.66 8.47
C ASP B 57 23.72 -33.33 7.90
N ALA B 58 23.09 -32.54 8.76
CA ALA B 58 22.58 -31.24 8.37
C ALA B 58 22.67 -30.32 9.56
N LYS B 59 23.06 -29.07 9.32
CA LYS B 59 23.22 -28.10 10.38
C LYS B 59 22.80 -26.72 9.90
N ILE B 60 22.39 -25.89 10.85
CA ILE B 60 22.11 -24.49 10.60
C ILE B 60 23.15 -23.68 11.34
N PHE B 61 23.66 -22.64 10.70
CA PHE B 61 24.64 -21.74 11.28
C PHE B 61 24.14 -20.31 11.12
N GLN B 62 24.43 -19.49 12.10
CA GLN B 62 24.06 -18.08 12.04
C GLN B 62 25.25 -17.23 12.49
N GLY B 63 25.32 -16.04 11.92
CA GLY B 63 26.39 -15.11 12.19
C GLY B 63 25.93 -13.73 11.83
N LYS B 64 26.66 -12.74 12.33
CA LYS B 64 26.33 -11.36 12.02
C LYS B 64 26.97 -10.94 10.70
N VAL B 65 26.32 -9.98 10.06
CA VAL B 65 26.69 -9.53 8.72
C VAL B 65 27.98 -8.70 8.76
N TYR B 66 28.18 -7.93 9.84
CA TYR B 66 29.23 -6.93 9.86
C TYR B 66 30.60 -7.56 9.64
N PRO B 67 31.52 -6.88 8.95
CA PRO B 67 32.80 -7.50 8.61
C PRO B 67 33.65 -7.84 9.81
N LYS B 68 33.33 -7.28 10.96
CA LYS B 68 34.08 -7.44 12.19
C LYS B 68 33.62 -8.63 13.03
N ALA B 69 32.47 -9.21 12.72
CA ALA B 69 31.95 -10.34 13.49
C ALA B 69 32.95 -11.48 13.51
N LYS B 70 33.23 -11.98 14.71
CA LYS B 70 34.33 -12.93 14.90
C LYS B 70 34.14 -14.19 14.05
N TYR B 71 32.90 -14.66 13.93
CA TYR B 71 32.65 -15.88 13.16
C TYR B 71 31.40 -15.68 12.30
N HIS B 72 31.63 -15.39 11.01
CA HIS B 72 30.58 -15.46 10.02
C HIS B 72 30.15 -16.92 9.85
N PRO B 73 28.89 -17.17 9.46
CA PRO B 73 28.40 -18.55 9.44
C PRO B 73 29.19 -19.47 8.52
N GLU B 74 29.82 -18.93 7.47
CA GLU B 74 30.69 -19.73 6.64
C GLU B 74 31.87 -20.26 7.44
N MET B 75 32.45 -19.42 8.30
CA MET B 75 33.57 -19.84 9.14
C MET B 75 33.12 -20.85 10.19
N ARG B 76 31.93 -20.67 10.76
CA ARG B 76 31.42 -21.65 11.72
C ARG B 76 31.21 -23.01 11.07
N PHE B 77 30.78 -23.01 9.80
CA PHE B 77 30.70 -24.26 9.06
C PHE B 77 32.06 -24.91 8.92
N LEU B 78 33.08 -24.13 8.61
CA LEU B 78 34.42 -24.68 8.41
C LEU B 78 34.94 -25.35 9.67
N ARG B 79 34.83 -24.66 10.82
CA ARG B 79 35.22 -25.27 12.09
C ARG B 79 34.41 -26.52 12.38
N TRP B 80 33.09 -26.46 12.14
CA TRP B 80 32.25 -27.63 12.40
C TRP B 80 32.60 -28.78 11.47
N PHE B 81 32.89 -28.48 10.21
CA PHE B 81 33.17 -29.53 9.25
C PHE B 81 34.51 -30.19 9.53
N HIS B 82 35.48 -29.42 10.02
CA HIS B 82 36.78 -29.98 10.38
C HIS B 82 36.65 -31.03 11.48
N LYS B 83 35.87 -30.72 12.53
CA LYS B 83 35.57 -31.73 13.54
C LYS B 83 34.78 -32.89 12.96
N TRP B 84 33.70 -32.59 12.23
CA TRP B 84 32.82 -33.63 11.71
C TRP B 84 33.53 -34.57 10.75
N ARG B 85 34.48 -34.04 9.95
CA ARG B 85 35.21 -34.89 9.02
C ARG B 85 35.98 -35.99 9.73
N GLN B 86 36.66 -35.64 10.82
CA GLN B 86 37.50 -36.58 11.55
C GLN B 86 36.70 -37.63 12.30
N LEU B 87 35.37 -37.53 12.33
CA LEU B 87 34.51 -38.54 12.94
C LEU B 87 33.88 -39.47 11.91
N HIS B 88 34.21 -39.31 10.64
CA HIS B 88 33.64 -40.13 9.58
C HIS B 88 34.75 -40.64 8.68
N HIS B 89 34.47 -41.75 8.00
CA HIS B 89 35.45 -42.33 7.11
C HIS B 89 35.60 -41.47 5.86
N ASP B 90 36.79 -41.54 5.25
CA ASP B 90 37.14 -40.65 4.15
C ASP B 90 36.47 -41.12 2.87
N GLN B 91 35.51 -40.34 2.39
CA GLN B 91 34.88 -40.58 1.10
C GLN B 91 34.70 -39.23 0.42
N GLU B 92 34.01 -39.23 -0.72
CA GLU B 92 33.73 -38.01 -1.45
C GLU B 92 32.42 -37.41 -0.93
N TYR B 93 32.44 -36.11 -0.68
CA TYR B 93 31.32 -35.41 -0.07
C TYR B 93 30.85 -34.29 -0.99
N LYS B 94 29.54 -34.10 -1.05
CA LYS B 94 28.92 -32.99 -1.76
C LYS B 94 28.13 -32.15 -0.76
N VAL B 95 28.54 -30.89 -0.60
CA VAL B 95 27.97 -29.97 0.38
C VAL B 95 27.13 -28.93 -0.34
N THR B 96 26.01 -28.56 0.27
CA THR B 96 25.09 -27.56 -0.27
C THR B 96 24.79 -26.52 0.80
N TRP B 97 24.79 -25.24 0.42
CA TRP B 97 24.42 -24.16 1.32
C TRP B 97 23.21 -23.41 0.79
N TYR B 98 22.31 -23.04 1.70
CA TYR B 98 21.33 -21.99 1.49
C TYR B 98 21.69 -20.83 2.42
N VAL B 99 22.05 -19.69 1.86
CA VAL B 99 22.51 -18.54 2.64
C VAL B 99 21.63 -17.34 2.33
N SER B 100 21.16 -16.66 3.37
CA SER B 100 20.33 -15.48 3.18
C SER B 100 21.12 -14.35 2.55
N TRP B 101 22.42 -14.26 2.84
CA TRP B 101 23.29 -13.25 2.23
C TRP B 101 24.48 -13.96 1.58
N SER B 102 24.90 -13.43 0.42
CA SER B 102 26.09 -13.93 -0.25
C SER B 102 27.34 -13.63 0.60
N PRO B 103 28.42 -14.37 0.39
CA PRO B 103 29.58 -14.27 1.28
C PRO B 103 30.43 -13.03 1.03
N CYS B 104 31.17 -12.66 2.08
CA CYS B 104 32.17 -11.60 2.01
C CYS B 104 33.46 -12.13 1.40
N THR B 105 34.44 -11.24 1.23
CA THR B 105 35.69 -11.64 0.58
C THR B 105 36.54 -12.53 1.48
N ARG B 106 36.55 -12.25 2.79
CA ARG B 106 37.38 -13.07 3.69
C ARG B 106 36.88 -14.49 3.75
N CYS B 107 35.58 -14.68 3.94
CA CYS B 107 35.03 -16.03 4.00
C CYS B 107 35.21 -16.74 2.67
N ALA B 108 35.07 -16.00 1.55
CA ALA B 108 35.30 -16.58 0.24
C ALA B 108 36.71 -17.15 0.11
N ASN B 109 37.72 -16.36 0.49
CA ASN B 109 39.10 -16.86 0.49
C ASN B 109 39.24 -18.07 1.40
N SER B 110 38.72 -17.98 2.62
CA SER B 110 38.85 -19.09 3.56
C SER B 110 38.16 -20.35 3.04
N VAL B 111 37.05 -20.19 2.32
CA VAL B 111 36.40 -21.35 1.72
C VAL B 111 37.16 -21.80 0.47
N ALA B 112 37.64 -20.85 -0.34
CA ALA B 112 38.44 -21.20 -1.51
C ALA B 112 39.70 -21.97 -1.11
N THR B 113 40.42 -21.46 -0.11
CA THR B 113 41.54 -22.20 0.46
C THR B 113 41.13 -23.61 0.87
N PHE B 114 39.97 -23.73 1.53
CA PHE B 114 39.52 -25.02 2.03
C PHE B 114 39.30 -26.01 0.89
N LEU B 115 38.65 -25.58 -0.18
CA LEU B 115 38.29 -26.50 -1.27
C LEU B 115 39.53 -26.98 -2.02
N ALA B 116 40.53 -26.10 -2.18
CA ALA B 116 41.75 -26.47 -2.89
C ALA B 116 42.50 -27.58 -2.17
N LYS B 117 42.63 -27.45 -0.84
CA LYS B 117 43.31 -28.45 -0.01
C LYS B 117 42.44 -29.68 0.25
N ASP B 118 41.41 -29.91 -0.56
CA ASP B 118 40.47 -30.99 -0.34
C ASP B 118 39.64 -31.24 -1.60
N PRO B 119 40.20 -31.94 -2.60
CA PRO B 119 39.41 -32.22 -3.81
C PRO B 119 38.29 -33.22 -3.58
N LYS B 120 38.30 -33.93 -2.45
CA LYS B 120 37.22 -34.85 -2.09
C LYS B 120 35.90 -34.15 -1.80
N VAL B 121 35.91 -32.81 -1.68
CA VAL B 121 34.72 -32.05 -1.31
C VAL B 121 34.38 -31.08 -2.43
N THR B 122 33.13 -31.12 -2.87
CA THR B 122 32.59 -30.15 -3.81
C THR B 122 31.43 -29.41 -3.15
N LEU B 123 31.33 -28.12 -3.42
CA LEU B 123 30.42 -27.23 -2.69
C LEU B 123 29.51 -26.49 -3.66
N THR B 124 28.21 -26.50 -3.39
CA THR B 124 27.24 -25.69 -4.11
C THR B 124 26.63 -24.69 -3.14
N ILE B 125 26.56 -23.42 -3.55
CA ILE B 125 26.06 -22.35 -2.71
C ILE B 125 24.87 -21.70 -3.39
N PHE B 126 23.71 -21.82 -2.77
CA PHE B 126 22.51 -21.07 -3.16
C PHE B 126 22.34 -19.90 -2.21
N VAL B 127 22.30 -18.68 -2.76
CA VAL B 127 22.10 -17.48 -1.96
C VAL B 127 20.71 -16.96 -2.24
N ALA B 128 20.07 -16.42 -1.20
CA ALA B 128 18.75 -15.83 -1.37
C ALA B 128 18.87 -14.43 -1.97
N ARG B 129 19.74 -13.61 -1.40
CA ARG B 129 20.00 -12.26 -1.87
C ARG B 129 21.50 -12.09 -2.07
N LEU B 130 21.87 -11.16 -2.94
CA LEU B 130 23.26 -10.79 -3.12
C LEU B 130 23.59 -9.61 -2.23
N TYR B 131 24.63 -9.75 -1.42
CA TYR B 131 25.02 -8.71 -0.46
C TYR B 131 26.01 -7.77 -1.11
N TYR B 132 25.65 -6.50 -1.24
CA TYR B 132 26.52 -5.46 -1.81
C TYR B 132 27.02 -5.86 -3.19
N PHE B 133 26.10 -6.33 -4.04
CA PHE B 133 26.46 -6.75 -5.39
C PHE B 133 27.00 -5.60 -6.23
N TRP B 134 26.89 -4.35 -5.76
CA TRP B 134 27.46 -3.21 -6.45
C TRP B 134 28.83 -2.82 -5.92
N LYS B 135 29.27 -3.39 -4.81
CA LYS B 135 30.60 -3.01 -4.32
C LYS B 135 31.61 -4.07 -4.73
N PRO B 136 32.73 -3.67 -5.33
CA PRO B 136 33.62 -4.67 -5.94
C PRO B 136 34.25 -5.63 -4.95
N ASP B 137 34.23 -5.31 -3.65
CA ASP B 137 34.65 -6.30 -2.66
C ASP B 137 33.79 -7.55 -2.78
N TYR B 138 32.48 -7.40 -2.52
CA TYR B 138 31.58 -8.55 -2.49
C TYR B 138 31.39 -9.15 -3.88
N GLN B 139 31.57 -8.37 -4.94
CA GLN B 139 31.59 -8.95 -6.28
C GLN B 139 32.78 -9.87 -6.44
N GLN B 140 33.97 -9.39 -6.05
CA GLN B 140 35.19 -10.19 -6.10
C GLN B 140 35.05 -11.45 -5.24
N ALA B 141 34.32 -11.36 -4.12
CA ALA B 141 34.09 -12.52 -3.28
C ALA B 141 33.43 -13.66 -4.05
N LEU B 142 32.44 -13.35 -4.88
CA LEU B 142 31.74 -14.39 -5.63
C LEU B 142 32.64 -15.03 -6.67
N ARG B 143 33.44 -14.22 -7.37
CA ARG B 143 34.35 -14.77 -8.37
C ARG B 143 35.42 -15.63 -7.73
N ILE B 144 35.95 -15.19 -6.58
CA ILE B 144 36.92 -15.98 -5.84
C ILE B 144 36.36 -17.36 -5.54
N LEU B 145 35.08 -17.41 -5.17
CA LEU B 145 34.45 -18.66 -4.75
C LEU B 145 34.12 -19.55 -5.93
N ALA B 146 33.59 -18.97 -7.01
CA ALA B 146 33.29 -19.76 -8.19
C ALA B 146 34.57 -20.33 -8.82
N GLU B 147 35.66 -19.56 -8.78
CA GLU B 147 36.90 -20.01 -9.40
C GLU B 147 37.50 -21.21 -8.67
N ALA B 148 37.28 -21.33 -7.36
CA ALA B 148 37.81 -22.46 -6.61
C ALA B 148 36.93 -23.71 -6.74
N GLY B 149 35.91 -23.69 -7.58
CA GLY B 149 35.11 -24.86 -7.87
C GLY B 149 33.68 -24.80 -7.40
N ALA B 150 33.32 -23.82 -6.56
CA ALA B 150 31.99 -23.77 -6.00
C ALA B 150 30.95 -23.41 -7.06
N THR B 151 29.92 -24.23 -7.18
CA THR B 151 28.74 -23.84 -7.93
C THR B 151 28.04 -22.71 -7.19
N MET B 152 27.66 -21.67 -7.92
CA MET B 152 27.06 -20.48 -7.32
C MET B 152 25.77 -20.16 -8.06
N LYS B 153 24.64 -20.33 -7.39
CA LYS B 153 23.33 -20.12 -7.97
C LYS B 153 22.47 -19.28 -7.02
N ILE B 154 21.45 -18.65 -7.58
CA ILE B 154 20.44 -17.94 -6.80
C ILE B 154 19.36 -18.93 -6.40
N MET B 155 18.84 -18.78 -5.17
CA MET B 155 17.72 -19.60 -4.73
C MET B 155 16.47 -19.26 -5.53
N ASN B 156 15.80 -20.29 -6.03
CA ASN B 156 14.50 -20.16 -6.68
C ASN B 156 13.49 -20.99 -5.88
N TYR B 157 12.25 -21.03 -6.40
CA TYR B 157 11.15 -21.68 -5.69
C TYR B 157 11.54 -23.05 -5.15
N ASN B 158 12.06 -23.92 -6.01
CA ASN B 158 12.40 -25.28 -5.59
C ASN B 158 13.34 -25.29 -4.40
N GLU B 159 14.30 -24.36 -4.36
CA GLU B 159 15.24 -24.33 -3.24
C GLU B 159 14.58 -23.77 -1.98
N PHE B 160 13.83 -22.67 -2.10
CA PHE B 160 13.13 -22.13 -0.94
C PHE B 160 12.20 -23.18 -0.34
N GLN B 161 11.52 -23.94 -1.19
CA GLN B 161 10.67 -25.01 -0.70
C GLN B 161 11.50 -26.12 -0.05
N ASP B 162 12.61 -26.51 -0.69
CA ASP B 162 13.45 -27.57 -0.14
C ASP B 162 14.10 -27.14 1.16
N CYS B 163 14.44 -25.85 1.28
CA CYS B 163 14.95 -25.33 2.55
C CYS B 163 13.88 -25.38 3.64
N TRP B 164 12.65 -25.03 3.28
CA TRP B 164 11.55 -25.07 4.24
C TRP B 164 11.29 -26.49 4.74
N ASN B 165 11.46 -27.49 3.87
CA ASN B 165 11.19 -28.87 4.25
C ASN B 165 12.26 -29.40 5.21
N LYS B 166 13.54 -29.18 4.88
CA LYS B 166 14.63 -29.83 5.60
C LYS B 166 15.13 -29.06 6.82
N PHE B 167 14.92 -27.75 6.88
CA PHE B 167 15.55 -26.93 7.92
C PHE B 167 14.59 -26.11 8.77
N VAL B 168 13.30 -26.09 8.45
CA VAL B 168 12.36 -25.19 9.09
C VAL B 168 11.33 -25.99 9.88
N ASP B 169 10.98 -25.46 11.06
CA ASP B 169 9.98 -26.04 11.96
C ASP B 169 8.58 -25.70 11.44
N GLY B 170 8.22 -26.34 10.32
CA GLY B 170 7.03 -25.96 9.58
C GLY B 170 5.72 -26.39 10.21
N ARG B 171 5.75 -27.39 11.11
CA ARG B 171 4.53 -27.95 11.71
C ARG B 171 3.59 -28.52 10.64
N GLY B 172 4.16 -29.26 9.69
CA GLY B 172 3.43 -29.86 8.60
C GLY B 172 2.85 -28.93 7.56
N LYS B 173 2.76 -27.63 7.87
CA LYS B 173 2.30 -26.68 6.88
C LYS B 173 3.30 -26.53 5.74
N PRO B 174 2.84 -26.50 4.50
CA PRO B 174 3.74 -26.44 3.35
C PRO B 174 4.30 -25.03 3.15
N PHE B 175 5.41 -24.98 2.41
CA PHE B 175 5.99 -23.69 2.06
C PHE B 175 5.02 -22.88 1.20
N LYS B 176 4.81 -21.63 1.60
CA LYS B 176 3.93 -20.70 0.89
C LYS B 176 4.75 -19.53 0.39
N PRO B 177 5.01 -19.43 -0.92
CA PRO B 177 5.89 -18.38 -1.43
C PRO B 177 5.31 -16.98 -1.24
N TRP B 178 6.21 -16.01 -1.08
CA TRP B 178 5.82 -14.60 -1.03
C TRP B 178 5.61 -14.06 -2.44
N ASN B 179 4.97 -12.90 -2.51
CA ASN B 179 4.74 -12.26 -3.80
C ASN B 179 6.05 -11.72 -4.37
N ASN B 180 6.11 -11.67 -5.69
CA ASN B 180 7.27 -11.18 -6.44
C ASN B 180 8.52 -12.03 -6.26
N LEU B 181 8.37 -13.27 -5.78
CA LEU B 181 9.50 -14.19 -5.75
C LEU B 181 10.13 -14.37 -7.14
N PRO B 182 9.36 -14.58 -8.22
CA PRO B 182 10.01 -14.71 -9.53
C PRO B 182 10.51 -13.38 -10.08
N LYS B 183 9.80 -12.29 -9.82
CA LYS B 183 10.31 -10.98 -10.20
C LYS B 183 11.70 -10.75 -9.60
N HIS B 184 11.85 -11.03 -8.31
CA HIS B 184 13.14 -10.88 -7.65
C HIS B 184 14.17 -11.85 -8.21
N TYR B 185 13.79 -13.12 -8.36
CA TYR B 185 14.72 -14.13 -8.87
C TYR B 185 15.31 -13.70 -10.20
N THR B 186 14.48 -13.18 -11.10
CA THR B 186 14.95 -12.65 -12.37
C THR B 186 16.09 -11.66 -12.18
N LEU B 187 15.86 -10.64 -11.34
CA LEU B 187 16.88 -9.62 -11.13
C LEU B 187 18.14 -10.20 -10.52
N LEU B 188 18.01 -11.11 -9.55
CA LEU B 188 19.18 -11.63 -8.86
C LEU B 188 19.96 -12.59 -9.77
N GLN B 189 19.24 -13.37 -10.58
CA GLN B 189 19.91 -14.30 -11.49
C GLN B 189 20.70 -13.56 -12.57
N ALA B 190 20.12 -12.50 -13.13
CA ALA B 190 20.84 -11.70 -14.11
C ALA B 190 22.06 -11.02 -13.48
N THR B 191 21.92 -10.52 -12.26
CA THR B 191 23.04 -9.87 -11.58
C THR B 191 24.19 -10.83 -11.34
N LEU B 192 23.87 -12.05 -10.89
CA LEU B 192 24.91 -13.05 -10.67
C LEU B 192 25.63 -13.40 -11.97
N GLY B 193 24.88 -13.62 -13.05
CA GLY B 193 25.49 -13.88 -14.33
C GLY B 193 26.46 -12.79 -14.75
N GLU B 194 26.09 -11.52 -14.53
CA GLU B 194 26.99 -10.42 -14.83
C GLU B 194 28.25 -10.51 -13.99
N LEU B 195 28.08 -10.63 -12.66
CA LEU B 195 29.22 -10.64 -11.74
C LEU B 195 30.15 -11.82 -12.04
N LEU B 196 29.60 -13.03 -12.17
CA LEU B 196 30.41 -14.20 -12.47
C LEU B 196 30.85 -14.27 -13.92
N ARG B 197 30.41 -13.33 -14.77
CA ARG B 197 30.77 -13.29 -16.18
C ARG B 197 30.37 -14.60 -16.87
N HIS B 198 29.11 -14.99 -16.68
N HIS B 198 29.12 -15.00 -16.67
CA HIS B 198 28.55 -16.14 -17.37
CA HIS B 198 28.55 -16.14 -17.38
C HIS B 198 28.66 -15.98 -18.88
C HIS B 198 28.71 -15.96 -18.88
N LEU B 199 29.11 -17.03 -19.56
CA LEU B 199 29.26 -17.02 -21.01
C LEU B 199 28.32 -18.04 -21.63
N MET B 200 27.87 -17.75 -22.84
CA MET B 200 26.91 -18.59 -23.52
C MET B 200 27.56 -19.85 -24.07
N ASP B 201 26.80 -20.93 -24.03
CA ASP B 201 27.25 -22.18 -24.63
C ASP B 201 27.35 -22.02 -26.14
N PRO B 202 28.46 -22.45 -26.77
CA PRO B 202 28.62 -22.20 -28.21
C PRO B 202 27.57 -22.88 -29.06
N GLY B 203 27.14 -24.08 -28.68
CA GLY B 203 26.06 -24.73 -29.42
C GLY B 203 24.77 -23.96 -29.32
N THR B 204 24.43 -23.49 -28.12
CA THR B 204 23.23 -22.68 -27.93
C THR B 204 23.26 -21.43 -28.80
N PHE B 205 24.41 -20.75 -28.86
CA PHE B 205 24.53 -19.54 -29.66
C PHE B 205 24.30 -19.82 -31.14
N THR B 206 24.90 -20.89 -31.66
CA THR B 206 24.71 -21.23 -33.06
C THR B 206 23.28 -21.70 -33.33
N SER B 207 22.72 -22.50 -32.42
CA SER B 207 21.38 -23.05 -32.64
C SER B 207 20.32 -21.95 -32.68
N ASN B 208 20.47 -20.92 -31.85
CA ASN B 208 19.43 -19.91 -31.74
C ASN B 208 19.69 -18.66 -32.57
N PHE B 209 20.92 -18.41 -32.99
CA PHE B 209 21.22 -17.21 -33.75
C PHE B 209 21.48 -17.46 -35.22
N ASN B 210 21.51 -18.71 -35.67
CA ASN B 210 21.54 -18.97 -37.11
C ASN B 210 20.31 -18.35 -37.76
N ASN B 211 20.54 -17.55 -38.80
CA ASN B 211 19.49 -16.72 -39.38
C ASN B 211 18.85 -17.37 -40.60
N LYS B 212 18.95 -18.68 -40.74
CA LYS B 212 18.21 -19.39 -41.76
C LYS B 212 16.76 -19.57 -41.32
N PRO B 213 15.84 -19.83 -42.26
CA PRO B 213 14.45 -20.05 -41.87
C PRO B 213 14.32 -21.17 -40.86
N TRP B 214 13.53 -20.93 -39.82
CA TRP B 214 13.40 -21.84 -38.69
C TRP B 214 12.48 -22.99 -39.10
N VAL B 215 13.09 -24.12 -39.47
CA VAL B 215 12.30 -25.32 -39.81
C VAL B 215 11.97 -26.15 -38.58
N SER B 216 12.39 -25.72 -37.39
CA SER B 216 12.18 -26.45 -36.15
C SER B 216 10.91 -25.98 -35.45
N GLY B 217 10.56 -26.68 -34.38
CA GLY B 217 9.38 -26.36 -33.60
C GLY B 217 9.71 -25.50 -32.41
N GLN B 218 10.94 -25.66 -31.90
CA GLN B 218 11.43 -24.90 -30.75
C GLN B 218 11.35 -23.40 -30.93
N HIS B 219 10.51 -22.73 -30.15
CA HIS B 219 10.56 -21.28 -30.02
C HIS B 219 11.05 -20.93 -28.62
N GLU B 220 12.29 -20.46 -28.53
CA GLU B 220 12.80 -19.80 -27.34
C GLU B 220 13.69 -18.67 -27.81
N THR B 221 13.78 -17.64 -26.98
CA THR B 221 14.47 -16.41 -27.36
C THR B 221 15.66 -16.20 -26.44
N TYR B 222 16.85 -16.08 -27.04
CA TYR B 222 18.05 -15.69 -26.33
C TYR B 222 18.38 -14.25 -26.71
N LEU B 223 18.70 -13.43 -25.70
CA LEU B 223 18.89 -12.00 -25.88
C LEU B 223 20.18 -11.59 -25.20
N CYS B 224 21.13 -11.07 -25.98
CA CYS B 224 22.34 -10.51 -25.43
C CYS B 224 22.14 -9.03 -25.20
N TYR B 225 22.82 -8.49 -24.19
CA TYR B 225 22.62 -7.09 -23.84
C TYR B 225 23.93 -6.47 -23.39
N LYS B 226 24.08 -5.18 -23.70
CA LYS B 226 25.23 -4.39 -23.28
C LYS B 226 24.78 -2.95 -23.14
N VAL B 227 25.52 -2.19 -22.33
CA VAL B 227 25.23 -0.79 -22.08
C VAL B 227 26.42 0.06 -22.48
N GLU B 228 26.14 1.20 -23.09
CA GLU B 228 27.17 2.16 -23.49
C GLU B 228 26.85 3.50 -22.84
N ARG B 229 27.91 4.27 -22.57
CA ARG B 229 27.78 5.55 -21.90
C ARG B 229 28.26 6.66 -22.82
N LEU B 230 27.57 7.81 -22.79
CA LEU B 230 27.95 8.97 -23.59
C LEU B 230 28.95 9.84 -22.83
N HIS B 231 30.13 10.00 -23.41
CA HIS B 231 31.19 10.85 -22.85
C HIS B 231 31.68 11.71 -24.00
N ASN B 232 31.37 13.01 -23.93
CA ASN B 232 31.55 13.89 -25.09
C ASN B 232 30.75 13.37 -26.27
N ASP B 233 31.44 12.89 -27.30
CA ASP B 233 30.80 12.25 -28.45
C ASP B 233 31.17 10.78 -28.57
N THR B 234 31.72 10.18 -27.51
CA THR B 234 32.12 8.78 -27.53
C THR B 234 31.07 7.92 -26.84
N TRP B 235 30.83 6.73 -27.39
CA TRP B 235 30.09 5.70 -26.67
C TRP B 235 31.14 4.83 -25.98
N VAL B 236 31.33 5.04 -24.69
CA VAL B 236 32.34 4.32 -23.91
C VAL B 236 31.64 3.16 -23.23
N PRO B 237 32.14 1.93 -23.36
CA PRO B 237 31.44 0.77 -22.79
C PRO B 237 31.26 0.87 -21.28
N LEU B 238 30.01 0.78 -20.84
CA LEU B 238 29.71 0.60 -19.42
C LEU B 238 30.03 -0.84 -19.06
N ASN B 239 31.32 -1.11 -18.88
CA ASN B 239 31.78 -2.46 -18.58
C ASN B 239 31.33 -2.89 -17.19
N GLN B 240 30.02 -3.02 -16.99
CA GLN B 240 29.51 -3.55 -15.72
C GLN B 240 28.15 -4.21 -15.89
N HIS B 241 27.43 -3.90 -16.97
CA HIS B 241 26.06 -4.39 -17.19
C HIS B 241 25.96 -5.01 -18.59
N ARG B 242 26.45 -6.24 -18.73
CA ARG B 242 26.28 -6.94 -20.00
C ARG B 242 26.35 -8.44 -19.78
N GLY B 243 25.38 -9.15 -20.36
CA GLY B 243 25.27 -10.57 -20.21
C GLY B 243 24.29 -11.13 -21.21
N PHE B 244 23.75 -12.31 -20.91
CA PHE B 244 22.68 -12.86 -21.73
C PHE B 244 21.60 -13.46 -20.85
N LEU B 245 20.41 -13.57 -21.43
CA LEU B 245 19.26 -14.15 -20.76
C LEU B 245 18.34 -14.73 -21.81
N ARG B 246 17.42 -15.58 -21.36
CA ARG B 246 16.45 -16.24 -22.22
C ARG B 246 15.06 -16.04 -21.64
N ASN B 247 14.04 -16.36 -22.43
CA ASN B 247 12.67 -16.13 -22.01
C ASN B 247 12.26 -17.17 -20.98
N GLN B 248 11.41 -16.76 -20.04
CA GLN B 248 10.98 -17.64 -18.97
C GLN B 248 9.73 -18.39 -19.40
N ALA B 249 9.86 -19.71 -19.50
CA ALA B 249 8.72 -20.55 -19.82
C ALA B 249 7.66 -20.42 -18.73
N PRO B 250 6.38 -20.62 -19.07
CA PRO B 250 5.34 -20.52 -18.04
C PRO B 250 5.47 -21.61 -16.99
N ASN B 251 5.28 -21.24 -15.74
CA ASN B 251 5.41 -22.14 -14.61
C ASN B 251 4.55 -21.58 -13.49
N ILE B 252 3.73 -22.44 -12.88
CA ILE B 252 2.85 -21.95 -11.81
C ILE B 252 3.67 -21.48 -10.61
N HIS B 253 4.89 -21.96 -10.44
CA HIS B 253 5.76 -21.54 -9.35
C HIS B 253 6.80 -20.52 -9.81
N GLY B 254 6.59 -19.90 -10.97
CA GLY B 254 7.42 -18.81 -11.43
C GLY B 254 6.56 -17.75 -12.09
N PHE B 255 6.65 -17.60 -13.41
CA PHE B 255 5.69 -16.78 -14.12
C PHE B 255 4.63 -17.70 -14.72
N PRO B 256 3.39 -17.67 -14.24
CA PRO B 256 2.41 -18.68 -14.68
C PRO B 256 2.04 -18.57 -16.14
N LYS B 257 2.15 -17.37 -16.72
CA LYS B 257 1.79 -17.13 -18.11
C LYS B 257 3.03 -16.90 -18.97
N GLY B 258 4.20 -17.31 -18.46
CA GLY B 258 5.46 -17.10 -19.14
C GLY B 258 5.95 -15.67 -19.05
N ARG B 259 7.20 -15.48 -19.47
CA ARG B 259 7.78 -14.15 -19.59
C ARG B 259 8.71 -14.13 -20.79
N HIS B 260 8.33 -13.37 -21.81
CA HIS B 260 9.16 -13.21 -23.00
C HIS B 260 10.48 -12.55 -22.65
N ALA B 261 11.53 -12.94 -23.39
CA ALA B 261 12.89 -12.47 -23.09
C ALA B 261 13.00 -10.95 -23.19
N ALA B 262 12.28 -10.33 -24.13
CA ALA B 262 12.31 -8.88 -24.25
C ALA B 262 11.83 -8.19 -22.98
N LEU B 263 10.88 -8.80 -22.27
CA LEU B 263 10.39 -8.21 -21.02
C LEU B 263 11.43 -8.34 -19.90
N CYS B 264 12.10 -9.49 -19.82
CA CYS B 264 13.15 -9.65 -18.81
C CYS B 264 14.27 -8.64 -19.01
N PHE B 265 14.57 -8.30 -20.27
CA PHE B 265 15.57 -7.28 -20.56
C PHE B 265 15.12 -5.91 -20.07
N LEU B 266 13.85 -5.56 -20.31
CA LEU B 266 13.31 -4.30 -19.80
C LEU B 266 13.32 -4.24 -18.28
N ASP B 267 13.12 -5.37 -17.61
CA ASP B 267 13.11 -5.37 -16.14
C ASP B 267 14.46 -4.96 -15.58
N LEU B 268 15.54 -5.34 -16.26
CA LEU B 268 16.88 -5.06 -15.76
C LEU B 268 17.18 -3.56 -15.74
N ILE B 269 16.74 -2.84 -16.77
CA ILE B 269 17.19 -1.45 -16.96
C ILE B 269 16.90 -0.57 -15.74
N PRO B 270 15.70 -0.57 -15.15
CA PRO B 270 15.52 0.21 -13.92
C PRO B 270 16.35 -0.31 -12.76
N PHE B 271 16.62 -1.62 -12.72
CA PHE B 271 17.40 -2.17 -11.62
C PHE B 271 18.85 -1.72 -11.66
N TRP B 272 19.35 -1.29 -12.83
CA TRP B 272 20.73 -0.86 -12.94
C TRP B 272 20.97 0.49 -12.28
N LYS B 273 19.94 1.32 -12.11
CA LYS B 273 20.06 2.64 -11.50
C LYS B 273 21.03 3.53 -12.29
N LEU B 274 20.75 3.68 -13.58
CA LEU B 274 21.57 4.52 -14.44
C LEU B 274 21.40 6.00 -14.10
N ASP B 275 22.45 6.77 -14.34
CA ASP B 275 22.46 8.20 -13.99
C ASP B 275 21.58 8.98 -14.95
N GLY B 276 21.68 10.32 -14.89
CA GLY B 276 20.98 11.18 -15.81
C GLY B 276 21.65 11.34 -17.16
N GLN B 277 22.85 10.80 -17.32
CA GLN B 277 23.58 10.92 -18.58
C GLN B 277 22.83 10.18 -19.69
N GLN B 278 23.34 10.37 -20.91
CA GLN B 278 22.85 9.62 -22.06
C GLN B 278 23.44 8.22 -22.04
N TYR B 279 22.58 7.21 -22.01
CA TYR B 279 23.00 5.82 -22.06
C TYR B 279 22.32 5.12 -23.22
N ARG B 280 23.06 4.25 -23.90
CA ARG B 280 22.52 3.47 -25.02
C ARG B 280 22.61 2.00 -24.66
N VAL B 281 21.46 1.36 -24.48
CA VAL B 281 21.40 -0.05 -24.14
C VAL B 281 21.16 -0.82 -25.43
N THR B 282 22.11 -1.69 -25.78
CA THR B 282 22.07 -2.46 -27.01
C THR B 282 21.71 -3.90 -26.68
N CYS B 283 20.87 -4.51 -27.52
CA CYS B 283 20.54 -5.91 -27.35
C CYS B 283 20.58 -6.63 -28.69
N PHE B 284 21.03 -7.89 -28.66
CA PHE B 284 21.07 -8.76 -29.83
C PHE B 284 20.17 -9.95 -29.53
N THR B 285 18.97 -9.95 -30.09
CA THR B 285 17.96 -10.95 -29.81
C THR B 285 17.80 -11.90 -30.98
N SER B 286 17.60 -13.19 -30.67
CA SER B 286 17.42 -14.18 -31.73
C SER B 286 16.08 -14.03 -32.46
N TRP B 287 15.12 -13.33 -31.85
CA TRP B 287 13.84 -13.07 -32.48
C TRP B 287 13.48 -11.60 -32.32
N SER B 288 12.87 -11.02 -33.36
CA SER B 288 12.30 -9.69 -33.24
C SER B 288 11.18 -9.73 -32.20
N PRO B 289 10.97 -8.63 -31.47
CA PRO B 289 9.89 -8.62 -30.47
C PRO B 289 8.52 -8.85 -31.10
N CYS B 290 7.61 -9.39 -30.29
CA CYS B 290 6.21 -9.47 -30.69
C CYS B 290 5.59 -8.07 -30.60
N PHE B 291 4.28 -7.99 -30.82
CA PHE B 291 3.64 -6.68 -30.80
C PHE B 291 3.61 -6.09 -29.40
N SER B 292 3.21 -6.91 -28.41
CA SER B 292 3.06 -6.40 -27.05
C SER B 292 4.41 -6.08 -26.41
N CYS B 293 5.43 -6.88 -26.71
CA CYS B 293 6.76 -6.61 -26.18
C CYS B 293 7.34 -5.33 -26.77
N ALA B 294 7.19 -5.15 -28.09
CA ALA B 294 7.61 -3.89 -28.71
C ALA B 294 6.83 -2.71 -28.15
N GLN B 295 5.56 -2.91 -27.79
CA GLN B 295 4.77 -1.81 -27.23
C GLN B 295 5.28 -1.42 -25.85
N GLU B 296 5.75 -2.39 -25.06
CA GLU B 296 6.34 -2.07 -23.76
C GLU B 296 7.69 -1.39 -23.92
N MET B 297 8.49 -1.83 -24.90
CA MET B 297 9.76 -1.17 -25.17
C MET B 297 9.55 0.26 -25.62
N ALA B 298 8.52 0.49 -26.45
CA ALA B 298 8.18 1.85 -26.85
C ALA B 298 7.80 2.70 -25.65
N LYS B 299 6.91 2.17 -24.79
CA LYS B 299 6.59 2.85 -23.54
C LYS B 299 7.83 3.23 -22.75
N PHE B 300 8.87 2.40 -22.81
CA PHE B 300 10.05 2.65 -21.99
C PHE B 300 10.86 3.82 -22.56
N ILE B 301 11.24 3.73 -23.84
CA ILE B 301 11.98 4.83 -24.46
C ILE B 301 11.14 6.11 -24.47
N SER B 302 9.80 5.95 -24.47
CA SER B 302 8.92 7.09 -24.30
C SER B 302 9.20 7.83 -23.00
N ASN B 303 9.19 7.11 -21.89
CA ASN B 303 9.32 7.72 -20.57
C ASN B 303 10.77 7.89 -20.12
N ASN B 304 11.74 7.54 -20.97
CA ASN B 304 13.16 7.67 -20.65
C ASN B 304 13.87 8.17 -21.91
N GLU B 305 13.90 9.48 -22.10
CA GLU B 305 14.54 10.05 -23.28
C GLU B 305 16.03 10.31 -23.08
N HIS B 306 16.58 9.96 -21.92
CA HIS B 306 18.02 9.90 -21.72
C HIS B 306 18.58 8.51 -21.98
N VAL B 307 17.73 7.54 -22.32
CA VAL B 307 18.16 6.19 -22.64
C VAL B 307 17.67 5.86 -24.04
N SER B 308 18.60 5.60 -24.95
CA SER B 308 18.28 5.10 -26.28
C SER B 308 18.48 3.59 -26.34
N LEU B 309 17.91 2.99 -27.38
CA LEU B 309 17.70 1.53 -27.39
C LEU B 309 17.95 0.99 -28.78
N CYS B 310 18.95 0.12 -28.90
CA CYS B 310 19.31 -0.51 -30.16
C CYS B 310 18.98 -1.99 -30.09
N ILE B 311 18.16 -2.46 -31.03
CA ILE B 311 17.64 -3.83 -31.02
C ILE B 311 18.05 -4.48 -32.33
N PHE B 312 19.02 -5.39 -32.26
CA PHE B 312 19.44 -6.18 -33.40
C PHE B 312 18.84 -7.58 -33.28
N ALA B 313 18.27 -8.08 -34.37
CA ALA B 313 17.59 -9.38 -34.37
C ALA B 313 18.19 -10.30 -35.42
N ALA B 314 18.27 -11.59 -35.08
CA ALA B 314 18.74 -12.59 -36.04
C ALA B 314 17.63 -13.01 -36.99
N ARG B 315 16.38 -13.04 -36.53
CA ARG B 315 15.25 -13.48 -37.33
C ARG B 315 14.03 -12.63 -36.99
N ILE B 316 13.10 -12.54 -37.95
CA ILE B 316 11.87 -11.78 -37.77
C ILE B 316 10.78 -12.71 -37.28
N TYR B 317 10.17 -12.36 -36.15
CA TYR B 317 9.15 -13.19 -35.51
C TYR B 317 7.78 -12.85 -36.07
N ASP B 318 7.23 -13.75 -36.87
CA ASP B 318 5.83 -13.68 -37.28
C ASP B 318 4.97 -14.30 -36.18
N ASP B 319 4.26 -13.47 -35.42
CA ASP B 319 3.46 -13.94 -34.30
C ASP B 319 2.01 -14.21 -34.66
N GLN B 320 1.68 -14.32 -35.95
CA GLN B 320 0.30 -14.47 -36.41
C GLN B 320 -0.59 -13.34 -35.90
N GLY B 321 -0.01 -12.17 -35.69
CA GLY B 321 -0.75 -11.04 -35.16
C GLY B 321 -0.34 -9.69 -35.71
N ARG B 322 -0.11 -8.72 -34.81
CA ARG B 322 0.18 -7.34 -35.17
C ARG B 322 1.66 -7.00 -35.09
N TYR B 323 2.54 -7.99 -35.25
CA TYR B 323 3.96 -7.77 -34.99
C TYR B 323 4.56 -6.71 -35.89
N GLN B 324 4.10 -6.64 -37.15
CA GLN B 324 4.63 -5.65 -38.07
C GLN B 324 4.32 -4.23 -37.63
N GLU B 325 3.14 -4.01 -37.02
CA GLU B 325 2.85 -2.69 -36.48
C GLU B 325 3.75 -2.36 -35.31
N GLY B 326 3.99 -3.34 -34.42
CA GLY B 326 4.89 -3.11 -33.30
C GLY B 326 6.29 -2.75 -33.74
N LEU B 327 6.78 -3.41 -34.79
CA LEU B 327 8.10 -3.09 -35.32
C LEU B 327 8.13 -1.68 -35.91
N ARG B 328 7.04 -1.27 -36.55
CA ARG B 328 6.97 0.10 -37.06
C ARG B 328 6.92 1.11 -35.94
N THR B 329 6.07 0.87 -34.93
CA THR B 329 6.01 1.76 -33.77
C THR B 329 7.36 1.87 -33.08
N LEU B 330 8.10 0.76 -33.01
CA LEU B 330 9.38 0.77 -32.31
C LEU B 330 10.41 1.62 -33.04
N HIS B 331 10.41 1.57 -34.38
CA HIS B 331 11.40 2.35 -35.13
C HIS B 331 11.05 3.83 -35.09
N ARG B 332 9.76 4.16 -35.10
CA ARG B 332 9.34 5.56 -35.06
C ARG B 332 9.77 6.21 -33.74
N ASP B 333 9.43 5.59 -32.62
CA ASP B 333 9.63 6.16 -31.29
C ASP B 333 11.11 6.29 -30.88
N GLY B 334 12.07 6.12 -31.78
CA GLY B 334 13.47 6.39 -31.49
C GLY B 334 14.34 5.17 -31.35
N ALA B 335 13.76 3.97 -31.32
CA ALA B 335 14.56 2.76 -31.20
C ALA B 335 15.12 2.38 -32.56
N LYS B 336 16.42 2.03 -32.58
CA LYS B 336 17.03 1.49 -33.78
C LYS B 336 16.70 0.01 -33.92
N ILE B 337 16.32 -0.41 -35.12
CA ILE B 337 15.97 -1.80 -35.40
C ILE B 337 16.72 -2.22 -36.66
N ALA B 338 17.55 -3.25 -36.54
CA ALA B 338 18.31 -3.75 -37.68
C ALA B 338 18.51 -5.24 -37.53
N MET B 339 18.67 -5.91 -38.67
CA MET B 339 19.01 -7.33 -38.68
C MET B 339 20.50 -7.53 -38.45
N MET B 340 20.84 -8.58 -37.71
CA MET B 340 22.24 -8.92 -37.49
C MET B 340 22.88 -9.36 -38.80
N ASN B 341 24.04 -8.78 -39.11
CA ASN B 341 24.89 -9.21 -40.21
C ASN B 341 26.10 -9.95 -39.66
N TYR B 342 27.01 -10.34 -40.55
CA TYR B 342 28.27 -10.94 -40.10
C TYR B 342 28.96 -10.05 -39.07
N SER B 343 28.90 -8.74 -39.30
CA SER B 343 29.39 -7.75 -38.35
C SER B 343 28.94 -8.05 -36.92
N GLU B 344 27.63 -8.17 -36.71
CA GLU B 344 27.11 -8.37 -35.37
C GLU B 344 27.35 -9.78 -34.86
N PHE B 345 27.22 -10.79 -35.74
CA PHE B 345 27.41 -12.18 -35.32
C PHE B 345 28.82 -12.44 -34.81
N GLU B 346 29.83 -11.85 -35.43
CA GLU B 346 31.20 -12.03 -34.94
C GLU B 346 31.39 -11.35 -33.59
N TYR B 347 30.77 -10.18 -33.40
CA TYR B 347 30.85 -9.47 -32.13
C TYR B 347 30.26 -10.32 -31.00
N CYS B 348 29.05 -10.85 -31.19
CA CYS B 348 28.41 -11.64 -30.15
C CYS B 348 29.20 -12.91 -29.83
N TRP B 349 29.74 -13.57 -30.86
CA TRP B 349 30.60 -14.72 -30.63
C TRP B 349 31.80 -14.34 -29.77
N ASP B 350 32.51 -13.28 -30.17
CA ASP B 350 33.72 -12.89 -29.47
C ASP B 350 33.44 -12.43 -28.05
N THR B 351 32.25 -11.89 -27.79
CA THR B 351 31.95 -11.23 -26.52
C THR B 351 31.15 -12.09 -25.55
N PHE B 352 30.12 -12.79 -26.00
CA PHE B 352 29.21 -13.48 -25.10
C PHE B 352 29.32 -14.99 -25.10
N VAL B 353 30.11 -15.58 -25.99
CA VAL B 353 30.14 -17.02 -26.14
C VAL B 353 31.39 -17.58 -25.46
N ASP B 354 31.25 -18.77 -24.88
CA ASP B 354 32.38 -19.51 -24.32
C ASP B 354 33.16 -20.16 -25.47
N ARG B 355 33.85 -19.30 -26.22
CA ARG B 355 34.58 -19.78 -27.39
C ARG B 355 35.92 -20.41 -27.01
N GLN B 356 36.58 -19.86 -25.99
CA GLN B 356 37.90 -20.32 -25.55
C GLN B 356 38.87 -20.41 -26.73
N GLY B 357 39.17 -19.24 -27.30
CA GLY B 357 40.10 -19.08 -28.40
C GLY B 357 39.51 -19.22 -29.80
N ARG B 358 38.65 -20.23 -29.99
CA ARG B 358 38.10 -20.54 -31.30
C ARG B 358 37.48 -19.29 -31.94
N PRO B 359 37.86 -18.95 -33.17
CA PRO B 359 37.22 -17.83 -33.86
C PRO B 359 35.85 -18.21 -34.41
N PHE B 360 35.09 -17.18 -34.77
CA PHE B 360 33.72 -17.35 -35.24
C PHE B 360 33.72 -18.08 -36.58
N GLN B 361 33.01 -19.21 -36.64
CA GLN B 361 32.85 -19.98 -37.87
C GLN B 361 31.44 -19.79 -38.40
N PRO B 362 31.24 -18.88 -39.37
CA PRO B 362 29.88 -18.62 -39.85
C PRO B 362 29.22 -19.87 -40.40
N TRP B 363 27.92 -19.97 -40.18
CA TRP B 363 27.10 -21.01 -40.79
C TRP B 363 26.84 -20.66 -42.25
N ASP B 364 26.35 -21.65 -42.99
CA ASP B 364 26.15 -21.47 -44.42
C ASP B 364 25.02 -20.49 -44.68
N GLY B 365 25.22 -19.60 -45.65
CA GLY B 365 24.20 -18.65 -46.02
C GLY B 365 24.01 -17.51 -45.05
N LEU B 366 25.04 -17.19 -44.25
CA LEU B 366 24.90 -16.16 -43.24
C LEU B 366 24.52 -14.81 -43.85
N ASP B 367 25.41 -14.24 -44.66
CA ASP B 367 25.15 -12.91 -45.22
C ASP B 367 23.94 -12.90 -46.14
N GLU B 368 23.63 -14.03 -46.78
CA GLU B 368 22.47 -14.06 -47.67
C GLU B 368 21.17 -13.99 -46.86
N HIS B 369 21.02 -14.88 -45.87
CA HIS B 369 19.89 -14.79 -44.97
C HIS B 369 19.85 -13.42 -44.28
N SER B 370 21.02 -12.88 -43.96
CA SER B 370 21.09 -11.56 -43.34
C SER B 370 20.56 -10.49 -44.28
N GLN B 371 21.01 -10.50 -45.54
CA GLN B 371 20.52 -9.53 -46.51
C GLN B 371 19.04 -9.75 -46.83
N ALA B 372 18.62 -11.02 -46.96
CA ALA B 372 17.23 -11.32 -47.29
C ALA B 372 16.29 -10.79 -46.22
N LEU B 373 16.64 -10.98 -44.94
CA LEU B 373 15.79 -10.52 -43.86
C LEU B 373 15.82 -9.00 -43.74
N SER B 374 16.97 -8.38 -44.00
CA SER B 374 17.06 -6.92 -43.97
C SER B 374 16.09 -6.29 -44.96
N GLY B 375 15.92 -6.90 -46.13
CA GLY B 375 14.94 -6.39 -47.08
C GLY B 375 13.52 -6.55 -46.56
N ARG B 376 13.21 -7.72 -46.01
CA ARG B 376 11.89 -7.96 -45.43
C ARG B 376 11.59 -6.98 -44.30
N LEU B 377 12.62 -6.54 -43.58
CA LEU B 377 12.40 -5.60 -42.48
C LEU B 377 12.05 -4.20 -43.00
N ARG B 378 12.78 -3.73 -44.03
CA ARG B 378 12.42 -2.47 -44.68
C ARG B 378 10.98 -2.50 -45.17
N ALA B 379 10.60 -3.58 -45.86
CA ALA B 379 9.23 -3.75 -46.32
C ALA B 379 8.24 -3.51 -45.19
N ILE B 380 8.56 -3.98 -43.98
CA ILE B 380 7.72 -3.74 -42.82
C ILE B 380 7.70 -2.25 -42.49
N LEU B 381 8.86 -1.59 -42.54
CA LEU B 381 8.98 -0.23 -42.04
C LEU B 381 8.40 0.82 -42.99
N GLN B 382 8.45 0.58 -44.30
CA GLN B 382 7.96 1.56 -45.28
C GLN B 382 6.59 1.21 -45.82
N ASN B 383 5.65 0.83 -44.94
CA ASN B 383 4.31 0.47 -45.38
C ASN B 383 3.28 0.72 -44.28
#